data_4RSJ
#
_entry.id   4RSJ
#
_cell.length_a   101.923
_cell.length_b   116.882
_cell.length_c   145.493
_cell.angle_alpha   90.00
_cell.angle_beta   90.00
_cell.angle_gamma   90.00
#
_symmetry.space_group_name_H-M   'P 21 21 21'
#
_entity_poly.entity_id   1
_entity_poly.type   'polypeptide(L)'
_entity_poly.pdbx_seq_one_letter_code
;AVVEDKRAEISEIEGKLSTIQAKRIKVEKEIEAKSNELEKVSKELESSERELIAAEAQREVRGNRAAEELKRSGIGGIYG
TLAELIKVKDEAYALAIEVALGNRADNVVVEDELVAEKAIKYLKEHKLGRLTFLPLNKIKPKHVDSSVGLPAVDVIEYDQ
KIENAVKFALGDTVIVNSMEEARPHIGKVRMVTIEGELYERSGAITGGHFRARGLAVDTTKLREKVESLRRRKEALEGEL
NSLKIELRSLENASFELRIKLSDEKKELELASKDLN
;
_entity_poly.pdbx_strand_id   A,B,C,D
#
# COMPACT_ATOMS: atom_id res chain seq x y z
N VAL A 2 26.12 -82.60 -37.15
CA VAL A 2 26.65 -83.71 -36.31
C VAL A 2 27.09 -83.16 -34.95
N VAL A 3 28.00 -83.88 -34.29
CA VAL A 3 28.51 -83.46 -32.99
C VAL A 3 29.12 -82.07 -33.07
N GLU A 4 29.83 -81.80 -34.18
CA GLU A 4 30.45 -80.51 -34.39
C GLU A 4 29.40 -79.46 -34.76
N ASP A 5 28.22 -79.93 -35.16
CA ASP A 5 27.13 -79.03 -35.52
C ASP A 5 26.48 -78.50 -34.25
N LYS A 6 26.26 -79.40 -33.29
CA LYS A 6 25.66 -79.03 -32.01
C LYS A 6 26.68 -78.26 -31.18
N ARG A 7 27.95 -78.51 -31.46
CA ARG A 7 29.05 -77.83 -30.75
C ARG A 7 29.15 -76.37 -31.17
N ALA A 8 29.04 -76.12 -32.47
CA ALA A 8 29.12 -74.75 -33.00
C ALA A 8 27.84 -73.99 -32.67
N GLU A 9 26.84 -74.70 -32.18
CA GLU A 9 25.57 -74.09 -31.81
C GLU A 9 25.62 -73.65 -30.35
N ILE A 10 26.46 -74.33 -29.57
CA ILE A 10 26.63 -74.02 -28.16
C ILE A 10 27.36 -72.69 -28.01
N SER A 11 28.40 -72.50 -28.83
CA SER A 11 29.19 -71.28 -28.80
C SER A 11 28.34 -70.07 -29.18
N GLU A 12 27.27 -70.31 -29.93
CA GLU A 12 26.38 -69.24 -30.36
C GLU A 12 25.58 -68.70 -29.17
N ILE A 13 25.23 -69.58 -28.24
CA ILE A 13 24.47 -69.20 -27.06
C ILE A 13 25.40 -68.56 -26.02
N GLU A 14 26.53 -69.21 -25.75
CA GLU A 14 27.49 -68.70 -24.79
C GLU A 14 27.99 -67.33 -25.21
N GLY A 15 27.93 -67.06 -26.51
CA GLY A 15 28.37 -65.76 -27.01
C GLY A 15 27.36 -64.71 -26.61
N LYS A 16 26.09 -65.10 -26.57
CA LYS A 16 25.02 -64.18 -26.19
C LYS A 16 25.02 -64.03 -24.68
N LEU A 17 25.12 -65.15 -23.97
CA LEU A 17 25.12 -65.13 -22.51
C LEU A 17 26.16 -64.14 -22.01
N SER A 18 27.28 -64.03 -22.74
CA SER A 18 28.33 -63.10 -22.36
C SER A 18 27.82 -61.68 -22.50
N THR A 19 27.14 -61.41 -23.61
CA THR A 19 26.58 -60.09 -23.89
C THR A 19 25.66 -59.63 -22.76
N ILE A 20 24.74 -60.50 -22.36
CA ILE A 20 23.80 -60.18 -21.28
C ILE A 20 24.59 -59.79 -20.05
N GLN A 21 25.60 -60.60 -19.71
CA GLN A 21 26.43 -60.34 -18.54
C GLN A 21 27.25 -59.07 -18.71
N ALA A 22 27.44 -58.64 -19.96
CA ALA A 22 28.20 -57.43 -20.23
C ALA A 22 27.29 -56.23 -19.98
N LYS A 23 26.10 -56.27 -20.57
CA LYS A 23 25.13 -55.19 -20.41
C LYS A 23 24.66 -55.14 -18.97
N ARG A 24 24.59 -56.31 -18.32
CA ARG A 24 24.18 -56.38 -16.93
C ARG A 24 25.18 -55.56 -16.11
N ILE A 25 26.46 -55.67 -16.45
CA ILE A 25 27.50 -54.91 -15.77
C ILE A 25 27.25 -53.42 -16.00
N LYS A 26 26.90 -53.08 -17.24
CA LYS A 26 26.64 -51.69 -17.63
C LYS A 26 25.50 -51.13 -16.78
N VAL A 27 24.44 -51.91 -16.64
CA VAL A 27 23.28 -51.50 -15.85
C VAL A 27 23.75 -51.25 -14.43
N GLU A 28 24.41 -52.24 -13.84
CA GLU A 28 24.94 -52.14 -12.48
C GLU A 28 25.66 -50.80 -12.30
N LYS A 29 26.60 -50.51 -13.19
CA LYS A 29 27.35 -49.27 -13.14
C LYS A 29 26.41 -48.06 -13.20
N GLU A 30 25.55 -48.04 -14.21
CA GLU A 30 24.60 -46.94 -14.39
C GLU A 30 23.76 -46.74 -13.13
N ILE A 31 23.30 -47.84 -12.55
CA ILE A 31 22.49 -47.80 -11.33
C ILE A 31 23.27 -47.23 -10.15
N GLU A 32 24.53 -47.62 -10.03
CA GLU A 32 25.37 -47.14 -8.94
C GLU A 32 25.53 -45.62 -9.05
N ALA A 33 25.54 -45.12 -10.29
CA ALA A 33 25.69 -43.69 -10.55
C ALA A 33 24.43 -42.90 -10.22
N LYS A 34 23.27 -43.56 -10.28
CA LYS A 34 22.01 -42.90 -9.99
C LYS A 34 21.82 -42.80 -8.48
N SER A 35 22.16 -43.87 -7.76
CA SER A 35 22.03 -43.90 -6.31
C SER A 35 22.82 -42.76 -5.67
N ASN A 36 24.12 -42.71 -5.98
CA ASN A 36 24.99 -41.68 -5.45
C ASN A 36 24.41 -40.29 -5.65
N GLU A 37 24.01 -39.97 -6.88
CA GLU A 37 23.44 -38.67 -7.18
C GLU A 37 22.12 -38.47 -6.46
N LEU A 38 21.25 -39.48 -6.51
CA LEU A 38 19.95 -39.40 -5.85
C LEU A 38 20.16 -39.12 -4.37
N GLU A 39 21.15 -39.78 -3.78
CA GLU A 39 21.46 -39.60 -2.37
C GLU A 39 21.91 -38.16 -2.09
N LYS A 40 22.54 -37.55 -3.10
CA LYS A 40 23.03 -36.17 -2.97
C LYS A 40 21.88 -35.17 -3.10
N VAL A 41 20.95 -35.47 -4.00
CA VAL A 41 19.79 -34.60 -4.19
C VAL A 41 18.92 -34.63 -2.94
N SER A 42 18.71 -35.82 -2.38
CA SER A 42 17.91 -35.97 -1.18
C SER A 42 18.45 -35.06 -0.09
N LYS A 43 19.78 -34.99 0.01
CA LYS A 43 20.43 -34.15 1.00
C LYS A 43 20.02 -32.69 0.82
N GLU A 44 20.44 -32.08 -0.28
CA GLU A 44 20.11 -30.69 -0.54
C GLU A 44 18.62 -30.41 -0.39
N LEU A 45 17.80 -31.37 -0.81
CA LEU A 45 16.35 -31.22 -0.71
C LEU A 45 15.94 -30.98 0.73
N GLU A 46 16.35 -31.88 1.63
CA GLU A 46 16.02 -31.76 3.05
C GLU A 46 16.67 -30.51 3.64
N SER A 47 17.98 -30.39 3.45
CA SER A 47 18.73 -29.25 3.97
C SER A 47 18.11 -27.94 3.54
N SER A 48 17.57 -27.89 2.33
CA SER A 48 16.96 -26.68 1.81
C SER A 48 15.46 -26.58 2.10
N GLU A 49 14.79 -27.73 2.20
CA GLU A 49 13.36 -27.75 2.47
C GLU A 49 13.07 -27.41 3.92
N ARG A 50 14.00 -27.73 4.81
CA ARG A 50 13.84 -27.43 6.23
C ARG A 50 13.86 -25.92 6.44
N GLU A 51 14.49 -25.21 5.49
CA GLU A 51 14.57 -23.76 5.58
C GLU A 51 13.22 -23.14 5.24
N LEU A 52 12.50 -23.72 4.30
CA LEU A 52 11.19 -23.20 3.94
C LEU A 52 10.26 -23.36 5.12
N ILE A 53 10.35 -24.49 5.80
CA ILE A 53 9.52 -24.77 6.96
C ILE A 53 9.77 -23.71 8.04
N ALA A 54 10.99 -23.19 8.07
CA ALA A 54 11.36 -22.16 9.04
C ALA A 54 11.08 -20.77 8.48
N ALA A 55 11.34 -20.58 7.19
CA ALA A 55 11.12 -19.31 6.52
C ALA A 55 9.62 -19.01 6.50
N GLU A 56 8.86 -19.92 5.91
CA GLU A 56 7.41 -19.77 5.81
C GLU A 56 6.76 -19.66 7.18
N ALA A 57 7.51 -20.06 8.21
CA ALA A 57 7.03 -20.00 9.58
C ALA A 57 7.29 -18.62 10.19
N GLN A 58 8.39 -18.00 9.76
CA GLN A 58 8.76 -16.67 10.23
C GLN A 58 8.01 -15.59 9.46
N ARG A 59 7.30 -16.02 8.42
CA ARG A 59 6.51 -15.09 7.61
C ARG A 59 5.16 -14.95 8.28
N GLU A 60 4.77 -15.98 9.03
CA GLU A 60 3.50 -15.97 9.74
C GLU A 60 3.65 -15.17 11.03
N VAL A 61 4.77 -15.40 11.71
CA VAL A 61 5.08 -14.71 12.97
C VAL A 61 5.04 -13.20 12.74
N ARG A 62 5.80 -12.75 11.74
CA ARG A 62 5.87 -11.33 11.40
C ARG A 62 4.60 -10.92 10.66
N GLY A 63 4.01 -11.87 9.93
CA GLY A 63 2.80 -11.60 9.19
C GLY A 63 3.04 -11.35 7.71
N ASN A 64 4.30 -11.43 7.30
CA ASN A 64 4.67 -11.21 5.91
C ASN A 64 3.85 -12.04 4.93
N ARG A 65 3.54 -13.29 5.28
CA ARG A 65 2.76 -14.13 4.39
C ARG A 65 1.33 -13.60 4.28
N ALA A 66 0.72 -13.37 5.44
CA ALA A 66 -0.65 -12.85 5.49
C ALA A 66 -0.77 -11.58 4.64
N ALA A 67 0.27 -10.75 4.66
CA ALA A 67 0.27 -9.53 3.89
C ALA A 67 0.17 -9.85 2.40
N GLU A 68 1.14 -10.61 1.89
CA GLU A 68 1.16 -10.99 0.48
C GLU A 68 -0.16 -11.59 0.02
N GLU A 69 -0.78 -12.37 0.90
CA GLU A 69 -2.05 -12.99 0.56
C GLU A 69 -3.11 -11.90 0.39
N LEU A 70 -2.93 -10.80 1.11
CA LEU A 70 -3.85 -9.67 1.05
C LEU A 70 -3.71 -8.88 -0.24
N LYS A 71 -2.71 -9.24 -1.04
CA LYS A 71 -2.50 -8.57 -2.32
C LYS A 71 -3.32 -9.27 -3.39
N ARG A 72 -3.42 -10.59 -3.27
CA ARG A 72 -4.19 -11.39 -4.21
C ARG A 72 -5.60 -11.58 -3.66
N SER A 73 -6.17 -10.51 -3.14
CA SER A 73 -7.52 -10.53 -2.56
C SER A 73 -8.49 -9.78 -3.44
N GLY A 74 -8.12 -8.56 -3.81
CA GLY A 74 -8.98 -7.73 -4.63
C GLY A 74 -9.72 -6.74 -3.76
N ILE A 75 -9.24 -6.57 -2.53
CA ILE A 75 -9.85 -5.66 -1.59
C ILE A 75 -9.19 -4.29 -1.67
N GLY A 76 -9.61 -3.49 -2.64
CA GLY A 76 -9.04 -2.16 -2.82
C GLY A 76 -9.06 -1.34 -1.54
N GLY A 77 -7.88 -0.95 -1.09
CA GLY A 77 -7.78 -0.15 0.13
C GLY A 77 -6.47 -0.45 0.83
N ILE A 78 -5.92 -1.63 0.54
CA ILE A 78 -4.66 -2.06 1.12
C ILE A 78 -3.52 -1.40 0.35
N TYR A 79 -2.55 -0.87 1.08
CA TYR A 79 -1.41 -0.19 0.47
C TYR A 79 -0.07 -0.85 0.75
N GLY A 80 -0.04 -1.81 1.66
CA GLY A 80 1.20 -2.51 1.96
C GLY A 80 1.77 -2.34 3.35
N THR A 81 3.00 -2.85 3.51
CA THR A 81 3.72 -2.81 4.78
C THR A 81 4.56 -1.54 4.92
N LEU A 82 4.65 -1.03 6.15
CA LEU A 82 5.43 0.17 6.40
C LEU A 82 6.83 -0.05 5.86
N ALA A 83 7.41 -1.20 6.20
CA ALA A 83 8.75 -1.55 5.76
C ALA A 83 8.89 -1.38 4.26
N GLU A 84 7.78 -1.58 3.54
CA GLU A 84 7.75 -1.45 2.09
C GLU A 84 7.53 0.01 1.66
N LEU A 85 6.78 0.74 2.48
CA LEU A 85 6.46 2.13 2.19
C LEU A 85 7.49 3.14 2.72
N ILE A 86 8.37 2.67 3.61
CA ILE A 86 9.39 3.54 4.20
C ILE A 86 10.80 3.12 3.80
N LYS A 87 11.65 4.11 3.56
CA LYS A 87 13.03 3.85 3.19
C LYS A 87 14.00 4.85 3.83
N VAL A 88 15.23 4.42 4.08
CA VAL A 88 16.20 5.31 4.70
C VAL A 88 17.15 5.93 3.65
N LYS A 89 17.15 7.26 3.60
CA LYS A 89 17.97 8.01 2.64
C LYS A 89 19.48 7.84 2.85
N ASP A 90 19.89 7.84 4.11
CA ASP A 90 21.31 7.73 4.44
C ASP A 90 21.59 6.44 5.18
N GLU A 91 22.62 5.71 4.74
CA GLU A 91 22.87 4.39 5.29
C GLU A 91 23.54 4.53 6.65
N ALA A 92 23.80 3.40 7.31
CA ALA A 92 24.44 3.41 8.63
C ALA A 92 23.56 4.12 9.67
N TYR A 93 22.39 4.55 9.22
CA TYR A 93 21.42 5.24 10.07
C TYR A 93 20.13 4.42 9.98
N ALA A 94 20.24 3.30 9.27
CA ALA A 94 19.12 2.40 9.06
C ALA A 94 18.86 1.49 10.26
N LEU A 95 19.94 0.96 10.83
CA LEU A 95 19.80 0.07 11.98
C LEU A 95 18.89 0.69 13.03
N ALA A 96 19.05 1.98 13.25
CA ALA A 96 18.25 2.71 14.23
C ALA A 96 16.77 2.61 13.88
N ILE A 97 16.43 3.01 12.66
CA ILE A 97 15.05 2.98 12.20
C ILE A 97 14.46 1.58 12.23
N GLU A 98 15.27 0.57 11.91
CA GLU A 98 14.79 -0.80 11.92
C GLU A 98 14.32 -1.12 13.33
N VAL A 99 15.11 -0.70 14.31
CA VAL A 99 14.81 -0.92 15.72
C VAL A 99 13.66 -0.03 16.17
N ALA A 100 13.61 1.18 15.64
CA ALA A 100 12.56 2.14 15.98
C ALA A 100 11.21 1.63 15.50
N LEU A 101 11.24 0.64 14.60
CA LEU A 101 10.02 0.06 14.06
C LEU A 101 9.70 -1.30 14.67
N GLY A 102 10.53 -2.29 14.35
CA GLY A 102 10.31 -3.63 14.88
C GLY A 102 8.95 -4.17 14.48
N ASN A 103 8.14 -4.53 15.47
CA ASN A 103 6.80 -5.05 15.20
C ASN A 103 6.05 -4.07 14.31
N ARG A 104 6.13 -2.80 14.67
CA ARG A 104 5.46 -1.73 13.92
C ARG A 104 5.79 -1.73 12.45
N ALA A 105 6.91 -2.33 12.08
CA ALA A 105 7.32 -2.38 10.68
C ALA A 105 6.47 -3.34 9.85
N ASP A 106 5.92 -4.37 10.51
CA ASP A 106 5.09 -5.36 9.83
C ASP A 106 3.65 -4.89 9.72
N ASN A 107 3.41 -3.60 9.97
CA ASN A 107 2.08 -3.05 9.89
C ASN A 107 1.66 -2.74 8.47
N VAL A 108 0.40 -3.02 8.15
CA VAL A 108 -0.16 -2.78 6.83
C VAL A 108 -0.97 -1.48 6.83
N VAL A 109 -0.67 -0.62 5.87
CA VAL A 109 -1.36 0.66 5.73
C VAL A 109 -2.56 0.56 4.78
N VAL A 110 -3.71 1.01 5.25
CA VAL A 110 -4.93 0.98 4.46
C VAL A 110 -5.61 2.33 4.48
N GLU A 111 -6.66 2.48 3.66
CA GLU A 111 -7.38 3.73 3.57
C GLU A 111 -8.17 4.01 4.86
N ASP A 112 -9.22 3.23 5.10
CA ASP A 112 -10.03 3.41 6.31
C ASP A 112 -10.34 2.10 7.03
N GLU A 113 -11.05 2.20 8.15
CA GLU A 113 -11.40 1.04 8.95
C GLU A 113 -12.30 0.07 8.20
N LEU A 114 -12.84 0.50 7.06
CA LEU A 114 -13.70 -0.35 6.26
C LEU A 114 -12.84 -1.37 5.50
N VAL A 115 -11.65 -0.93 5.10
CA VAL A 115 -10.71 -1.82 4.41
C VAL A 115 -10.17 -2.72 5.50
N ALA A 116 -10.01 -2.13 6.69
CA ALA A 116 -9.51 -2.85 7.85
C ALA A 116 -10.36 -4.10 8.10
N GLU A 117 -11.67 -3.91 8.20
CA GLU A 117 -12.58 -5.02 8.44
C GLU A 117 -12.50 -6.05 7.30
N LYS A 118 -12.77 -5.60 6.09
CA LYS A 118 -12.74 -6.47 4.91
C LYS A 118 -11.41 -7.22 4.78
N ALA A 119 -10.39 -6.74 5.48
CA ALA A 119 -9.08 -7.38 5.44
C ALA A 119 -9.02 -8.44 6.53
N ILE A 120 -9.49 -8.07 7.72
CA ILE A 120 -9.50 -8.98 8.85
C ILE A 120 -10.44 -10.15 8.60
N LYS A 121 -11.58 -9.88 7.97
CA LYS A 121 -12.55 -10.92 7.66
C LYS A 121 -11.95 -11.91 6.66
N TYR A 122 -11.17 -11.38 5.71
CA TYR A 122 -10.53 -12.21 4.71
C TYR A 122 -9.44 -13.05 5.39
N LEU A 123 -8.77 -12.45 6.37
CA LEU A 123 -7.70 -13.15 7.09
C LEU A 123 -8.26 -14.29 7.95
N LYS A 124 -9.46 -14.07 8.51
CA LYS A 124 -10.10 -15.08 9.33
C LYS A 124 -10.68 -16.20 8.47
N GLU A 125 -11.34 -15.79 7.38
CA GLU A 125 -11.97 -16.72 6.46
C GLU A 125 -10.98 -17.73 5.87
N HIS A 126 -9.69 -17.39 5.90
CA HIS A 126 -8.67 -18.28 5.36
C HIS A 126 -7.57 -18.57 6.38
N LYS A 127 -7.82 -18.22 7.63
CA LYS A 127 -6.86 -18.44 8.72
C LYS A 127 -5.43 -18.16 8.25
N LEU A 128 -5.23 -16.97 7.68
CA LEU A 128 -3.91 -16.58 7.20
C LEU A 128 -3.01 -16.13 8.34
N GLY A 129 -3.62 -15.58 9.38
CA GLY A 129 -2.83 -15.12 10.52
C GLY A 129 -3.36 -13.83 11.12
N ARG A 130 -2.66 -13.33 12.13
CA ARG A 130 -3.06 -12.09 12.78
C ARG A 130 -2.24 -10.95 12.20
N LEU A 131 -2.85 -9.78 12.06
CA LEU A 131 -2.17 -8.64 11.49
C LEU A 131 -2.75 -7.32 12.02
N THR A 132 -1.90 -6.31 12.11
CA THR A 132 -2.33 -4.98 12.59
C THR A 132 -2.36 -4.01 11.43
N PHE A 133 -3.49 -3.31 11.27
CA PHE A 133 -3.61 -2.35 10.17
C PHE A 133 -3.60 -0.91 10.63
N LEU A 134 -3.25 -0.01 9.71
CA LEU A 134 -3.20 1.41 9.99
C LEU A 134 -4.11 2.19 9.05
N PRO A 135 -5.35 2.44 9.48
CA PRO A 135 -6.31 3.19 8.67
C PRO A 135 -5.93 4.67 8.56
N LEU A 136 -5.30 5.04 7.44
CA LEU A 136 -4.87 6.42 7.20
C LEU A 136 -6.03 7.36 7.49
N ASN A 137 -7.24 6.81 7.40
CA ASN A 137 -8.46 7.56 7.64
C ASN A 137 -8.60 7.96 9.11
N LYS A 138 -8.17 7.09 10.02
CA LYS A 138 -8.28 7.38 11.44
C LYS A 138 -6.97 7.38 12.23
N ILE A 139 -5.85 7.15 11.57
CA ILE A 139 -4.56 7.15 12.26
C ILE A 139 -4.31 8.49 12.94
N LYS A 140 -3.64 8.45 14.08
CA LYS A 140 -3.32 9.67 14.82
C LYS A 140 -1.80 9.87 14.92
N PRO A 141 -1.25 10.75 14.07
CA PRO A 141 0.18 11.06 14.03
C PRO A 141 0.77 11.48 15.37
N LYS A 142 2.08 11.33 15.50
CA LYS A 142 2.78 11.69 16.73
C LYS A 142 3.86 12.71 16.38
N HIS A 143 4.12 13.64 17.29
CA HIS A 143 5.13 14.65 17.05
C HIS A 143 6.15 14.71 18.17
N VAL A 144 7.15 15.57 18.01
CA VAL A 144 8.19 15.73 19.03
C VAL A 144 8.34 17.20 19.40
N ASP A 145 8.02 17.53 20.65
CA ASP A 145 8.11 18.90 21.13
C ASP A 145 9.55 19.35 21.32
N SER A 146 10.26 18.70 22.24
CA SER A 146 11.64 19.04 22.52
C SER A 146 12.59 18.35 21.54
N SER A 147 13.51 19.13 20.96
CA SER A 147 14.47 18.60 20.02
C SER A 147 15.75 18.15 20.74
N VAL A 148 15.66 17.00 21.39
CA VAL A 148 16.80 16.45 22.11
C VAL A 148 17.48 15.36 21.29
N GLY A 149 17.80 15.69 20.05
CA GLY A 149 18.46 14.73 19.17
C GLY A 149 18.03 14.90 17.73
N LEU A 150 18.30 13.89 16.91
CA LEU A 150 17.94 13.93 15.50
C LEU A 150 16.67 13.12 15.22
N PRO A 151 15.58 13.81 14.84
CA PRO A 151 14.29 13.17 14.55
C PRO A 151 14.43 11.95 13.64
N ALA A 152 13.60 10.95 13.87
CA ALA A 152 13.64 9.72 13.06
C ALA A 152 13.12 9.98 11.66
N VAL A 153 12.25 10.97 11.54
CA VAL A 153 11.65 11.34 10.25
C VAL A 153 12.62 12.07 9.34
N ASP A 154 13.70 12.60 9.90
CA ASP A 154 14.69 13.33 9.12
C ASP A 154 15.56 12.45 8.23
N VAL A 155 15.67 11.17 8.57
CA VAL A 155 16.47 10.24 7.79
C VAL A 155 15.58 9.26 7.04
N ILE A 156 14.34 9.67 6.79
CA ILE A 156 13.38 8.81 6.10
C ILE A 156 12.71 9.46 4.90
N GLU A 157 12.43 8.63 3.90
CA GLU A 157 11.75 9.07 2.69
C GLU A 157 10.45 8.26 2.60
N TYR A 158 9.38 8.89 2.13
CA TYR A 158 8.10 8.21 2.01
C TYR A 158 7.10 9.10 1.27
N ASP A 159 6.12 8.49 0.63
CA ASP A 159 5.11 9.25 -0.12
C ASP A 159 4.26 10.08 0.82
N GLN A 160 4.35 11.40 0.67
CA GLN A 160 3.63 12.35 1.50
C GLN A 160 2.15 12.00 1.68
N LYS A 161 1.64 11.10 0.85
CA LYS A 161 0.24 10.68 0.91
C LYS A 161 -0.06 9.82 2.14
N ILE A 162 0.96 9.12 2.64
CA ILE A 162 0.80 8.27 3.82
C ILE A 162 1.62 8.81 4.98
N GLU A 163 1.93 10.11 4.91
CA GLU A 163 2.72 10.77 5.93
C GLU A 163 2.21 10.45 7.34
N ASN A 164 0.88 10.35 7.48
CA ASN A 164 0.26 10.08 8.78
C ASN A 164 0.71 8.77 9.43
N ALA A 165 0.66 7.68 8.68
CA ALA A 165 1.06 6.37 9.18
C ALA A 165 2.53 6.36 9.60
N VAL A 166 3.36 7.05 8.84
CA VAL A 166 4.79 7.11 9.13
C VAL A 166 5.04 7.92 10.40
N LYS A 167 4.31 9.01 10.57
CA LYS A 167 4.44 9.84 11.76
C LYS A 167 3.81 9.12 12.93
N PHE A 168 3.07 8.07 12.63
CA PHE A 168 2.40 7.26 13.64
C PHE A 168 3.39 6.31 14.31
N ALA A 169 4.36 5.82 13.55
CA ALA A 169 5.35 4.89 14.06
C ALA A 169 6.55 5.62 14.66
N LEU A 170 7.11 6.57 13.91
CA LEU A 170 8.28 7.31 14.35
C LEU A 170 8.03 8.79 14.56
N GLY A 171 6.78 9.17 14.77
CA GLY A 171 6.45 10.56 14.97
C GLY A 171 7.07 11.17 16.22
N ASP A 172 7.17 10.39 17.28
CA ASP A 172 7.73 10.86 18.54
C ASP A 172 9.08 10.23 18.84
N THR A 173 9.68 9.63 17.82
CA THR A 173 10.98 8.98 17.97
C THR A 173 12.14 9.86 17.51
N VAL A 174 13.19 9.92 18.32
CA VAL A 174 14.38 10.72 18.01
C VAL A 174 15.65 9.86 18.06
N ILE A 175 16.56 10.08 17.11
CA ILE A 175 17.81 9.32 17.02
C ILE A 175 18.98 10.01 17.71
N VAL A 176 19.56 9.35 18.69
CA VAL A 176 20.70 9.90 19.42
C VAL A 176 21.94 9.07 19.12
N ASN A 177 23.06 9.39 19.77
CA ASN A 177 24.31 8.68 19.54
C ASN A 177 24.56 7.47 20.44
N SER A 178 24.81 7.71 21.72
CA SER A 178 25.08 6.62 22.65
C SER A 178 24.25 6.67 23.92
N MET A 179 24.27 5.54 24.64
CA MET A 179 23.53 5.39 25.89
C MET A 179 23.64 6.62 26.78
N GLU A 180 24.87 7.05 27.05
CA GLU A 180 25.14 8.20 27.90
C GLU A 180 24.85 9.55 27.25
N GLU A 181 24.07 9.54 26.19
CA GLU A 181 23.71 10.76 25.49
C GLU A 181 22.21 11.00 25.68
N ALA A 182 21.51 9.93 26.03
CA ALA A 182 20.06 9.98 26.24
C ALA A 182 19.70 10.00 27.72
N ARG A 183 20.63 9.60 28.58
CA ARG A 183 20.40 9.57 30.02
C ARG A 183 19.61 10.76 30.57
N PRO A 184 20.01 11.99 30.20
CA PRO A 184 19.29 13.17 30.70
C PRO A 184 17.80 13.17 30.37
N HIS A 185 17.40 12.34 29.41
CA HIS A 185 16.01 12.29 29.00
C HIS A 185 15.39 10.90 28.95
N ILE A 186 16.02 9.92 29.58
CA ILE A 186 15.47 8.56 29.57
C ILE A 186 14.06 8.56 30.14
N GLY A 187 13.16 7.81 29.51
CA GLY A 187 11.79 7.74 29.97
C GLY A 187 11.10 9.09 29.89
N LYS A 188 11.72 10.01 29.16
CA LYS A 188 11.19 11.36 28.98
C LYS A 188 10.84 11.56 27.51
N VAL A 189 11.61 10.93 26.64
CA VAL A 189 11.41 11.01 25.19
C VAL A 189 11.85 9.66 24.61
N ARG A 190 11.37 9.35 23.41
CA ARG A 190 11.72 8.08 22.77
C ARG A 190 13.12 8.13 22.14
N MET A 191 14.07 7.45 22.78
CA MET A 191 15.46 7.43 22.34
C MET A 191 15.78 6.20 21.49
N VAL A 192 16.68 6.39 20.52
CA VAL A 192 17.12 5.31 19.65
C VAL A 192 18.54 5.58 19.14
N THR A 193 19.51 5.10 19.91
CA THR A 193 20.92 5.29 19.58
C THR A 193 21.32 4.62 18.27
N ILE A 194 22.28 5.22 17.57
CA ILE A 194 22.78 4.67 16.31
C ILE A 194 23.31 3.26 16.58
N GLU A 195 23.82 3.06 17.78
CA GLU A 195 24.39 1.76 18.13
C GLU A 195 23.32 0.69 17.92
N GLY A 196 22.07 1.01 18.24
CA GLY A 196 20.96 0.09 18.01
C GLY A 196 20.09 -0.16 19.23
N GLU A 197 19.84 0.90 19.99
CA GLU A 197 19.13 0.77 21.26
C GLU A 197 17.86 1.60 21.24
N LEU A 198 16.98 1.33 22.19
CA LEU A 198 15.72 2.06 22.26
C LEU A 198 15.29 2.28 23.70
N TYR A 199 15.02 3.54 24.03
CA TYR A 199 14.57 3.91 25.37
C TYR A 199 13.22 4.60 25.27
N GLU A 200 12.16 3.80 25.39
CA GLU A 200 10.80 4.30 25.32
C GLU A 200 10.46 5.21 26.50
N ARG A 201 9.52 6.11 26.27
CA ARG A 201 9.09 7.06 27.29
C ARG A 201 8.43 6.34 28.47
N SER A 202 8.07 5.07 28.26
CA SER A 202 7.44 4.26 29.30
C SER A 202 8.50 3.52 30.12
N GLY A 203 9.74 3.99 30.02
CA GLY A 203 10.83 3.38 30.75
C GLY A 203 11.34 2.08 30.16
N ALA A 204 10.54 1.46 29.29
CA ALA A 204 10.91 0.20 28.65
C ALA A 204 12.14 0.33 27.77
N ILE A 205 13.13 -0.53 28.01
CA ILE A 205 14.38 -0.53 27.25
C ILE A 205 14.49 -1.79 26.40
N THR A 206 14.82 -1.62 25.12
CA THR A 206 14.97 -2.76 24.22
C THR A 206 16.23 -2.67 23.38
N GLY A 207 17.03 -3.74 23.42
CA GLY A 207 18.27 -3.77 22.66
C GLY A 207 18.74 -5.20 22.43
N GLY A 208 19.85 -5.36 21.72
CA GLY A 208 20.37 -6.68 21.44
C GLY A 208 21.45 -6.72 20.38
N HIS A 209 21.41 -7.81 19.60
CA HIS A 209 22.24 -8.10 18.43
C HIS A 209 21.74 -7.47 17.13
N PHE A 210 22.55 -7.57 16.08
CA PHE A 210 22.27 -6.93 14.79
C PHE A 210 22.82 -5.52 14.74
N LEU A 215 15.82 -10.14 5.27
CA LEU A 215 15.17 -9.57 4.10
C LEU A 215 13.83 -10.25 3.83
N ALA A 216 13.74 -11.54 4.15
CA ALA A 216 12.52 -12.32 3.95
C ALA A 216 12.04 -12.27 2.51
N VAL A 217 12.94 -11.97 1.58
CA VAL A 217 12.60 -11.89 0.17
C VAL A 217 13.15 -13.08 -0.60
N ASP A 218 13.88 -13.95 0.12
CA ASP A 218 14.48 -15.13 -0.50
C ASP A 218 13.60 -16.37 -0.41
N THR A 219 12.48 -16.27 0.29
CA THR A 219 11.57 -17.40 0.44
C THR A 219 10.99 -17.78 -0.91
N THR A 220 10.85 -16.79 -1.79
CA THR A 220 10.32 -17.01 -3.12
C THR A 220 11.31 -17.77 -3.99
N LYS A 221 12.57 -17.36 -3.93
CA LYS A 221 13.63 -18.00 -4.70
C LYS A 221 14.00 -19.33 -4.06
N LEU A 222 13.73 -19.47 -2.76
CA LEU A 222 14.02 -20.69 -2.03
C LEU A 222 12.93 -21.73 -2.28
N ARG A 223 11.70 -21.26 -2.43
CA ARG A 223 10.57 -22.15 -2.69
C ARG A 223 10.76 -22.76 -4.07
N GLU A 224 11.42 -22.02 -4.95
CA GLU A 224 11.67 -22.48 -6.30
C GLU A 224 12.72 -23.58 -6.29
N LYS A 225 13.86 -23.30 -5.67
CA LYS A 225 14.95 -24.28 -5.58
C LYS A 225 14.48 -25.60 -4.98
N VAL A 226 13.46 -25.52 -4.13
CA VAL A 226 12.91 -26.73 -3.50
C VAL A 226 11.97 -27.42 -4.47
N GLU A 227 11.14 -26.64 -5.15
CA GLU A 227 10.19 -27.20 -6.12
C GLU A 227 11.01 -27.92 -7.19
N SER A 228 12.22 -27.42 -7.40
CA SER A 228 13.14 -28.00 -8.39
C SER A 228 13.67 -29.34 -7.92
N LEU A 229 14.17 -29.38 -6.69
CA LEU A 229 14.71 -30.61 -6.13
C LEU A 229 13.63 -31.66 -5.93
N ARG A 230 12.41 -31.20 -5.62
CA ARG A 230 11.30 -32.12 -5.42
C ARG A 230 10.90 -32.70 -6.79
N ARG A 231 11.23 -31.98 -7.85
CA ARG A 231 10.92 -32.41 -9.21
C ARG A 231 12.07 -33.24 -9.78
N ARG A 232 13.28 -32.93 -9.34
CA ARG A 232 14.48 -33.64 -9.80
C ARG A 232 14.58 -35.01 -9.13
N LYS A 233 14.04 -35.11 -7.92
CA LYS A 233 14.06 -36.35 -7.16
C LYS A 233 13.11 -37.36 -7.81
N GLU A 234 11.99 -36.86 -8.33
CA GLU A 234 11.01 -37.71 -9.00
C GLU A 234 11.68 -38.34 -10.21
N ALA A 235 12.47 -37.55 -10.92
CA ALA A 235 13.18 -38.02 -12.10
C ALA A 235 14.14 -39.13 -11.72
N LEU A 236 15.12 -38.81 -10.89
CA LEU A 236 16.11 -39.77 -10.45
C LEU A 236 15.48 -41.01 -9.81
N GLU A 237 14.55 -40.79 -8.88
CA GLU A 237 13.88 -41.89 -8.18
C GLU A 237 13.11 -42.79 -9.15
N GLY A 238 12.57 -42.20 -10.20
CA GLY A 238 11.80 -42.95 -11.20
C GLY A 238 12.71 -43.72 -12.14
N GLU A 239 13.75 -43.05 -12.60
CA GLU A 239 14.72 -43.66 -13.52
C GLU A 239 15.40 -44.86 -12.88
N LEU A 240 15.58 -44.82 -11.56
CA LEU A 240 16.22 -45.91 -10.85
C LEU A 240 15.37 -47.17 -10.83
N ASN A 241 14.08 -47.01 -10.54
CA ASN A 241 13.16 -48.15 -10.49
C ASN A 241 12.95 -48.78 -11.86
N SER A 242 13.15 -47.99 -12.92
CA SER A 242 12.99 -48.49 -14.28
C SER A 242 14.25 -49.25 -14.71
N LEU A 243 15.41 -48.74 -14.28
CA LEU A 243 16.68 -49.37 -14.59
C LEU A 243 16.84 -50.63 -13.75
N LYS A 244 16.42 -50.54 -12.50
CA LYS A 244 16.49 -51.69 -11.59
C LYS A 244 15.58 -52.78 -12.15
N ILE A 245 14.50 -52.35 -12.79
CA ILE A 245 13.53 -53.28 -13.39
C ILE A 245 14.20 -54.02 -14.54
N GLU A 246 14.94 -53.28 -15.38
CA GLU A 246 15.63 -53.89 -16.51
C GLU A 246 16.69 -54.85 -15.97
N LEU A 247 17.46 -54.38 -15.00
CA LEU A 247 18.51 -55.18 -14.38
C LEU A 247 17.98 -56.55 -13.95
N ARG A 248 16.73 -56.57 -13.48
CA ARG A 248 16.11 -57.81 -13.05
C ARG A 248 15.73 -58.65 -14.27
N SER A 249 15.26 -57.98 -15.32
CA SER A 249 14.87 -58.67 -16.55
C SER A 249 16.06 -59.38 -17.16
N LEU A 250 17.18 -58.68 -17.23
CA LEU A 250 18.41 -59.26 -17.79
C LEU A 250 18.87 -60.44 -16.96
N GLU A 251 18.73 -60.33 -15.64
CA GLU A 251 19.15 -61.42 -14.76
C GLU A 251 18.28 -62.64 -14.98
N ASN A 252 17.02 -62.40 -15.35
CA ASN A 252 16.09 -63.50 -15.61
C ASN A 252 16.49 -64.16 -16.92
N ALA A 253 17.00 -63.36 -17.84
CA ALA A 253 17.43 -63.85 -19.14
C ALA A 253 18.64 -64.77 -19.02
N SER A 254 19.72 -64.27 -18.43
CA SER A 254 20.94 -65.05 -18.26
C SER A 254 20.60 -66.41 -17.65
N PHE A 255 19.70 -66.40 -16.67
CA PHE A 255 19.29 -67.63 -16.01
C PHE A 255 18.68 -68.55 -17.06
N GLU A 256 17.74 -68.00 -17.82
CA GLU A 256 17.06 -68.76 -18.87
C GLU A 256 18.08 -69.43 -19.79
N LEU A 257 19.16 -68.72 -20.10
CA LEU A 257 20.20 -69.26 -20.96
C LEU A 257 21.03 -70.30 -20.23
N ARG A 258 21.34 -70.07 -18.97
CA ARG A 258 22.28 -70.97 -18.29
C ARG A 258 21.76 -72.42 -18.27
N ILE A 259 20.47 -72.59 -18.00
CA ILE A 259 19.86 -73.92 -18.02
C ILE A 259 19.92 -74.53 -19.42
N LYS A 260 19.65 -73.70 -20.42
CA LYS A 260 19.69 -74.14 -21.81
C LYS A 260 21.11 -74.54 -22.19
N LEU A 261 22.08 -73.77 -21.73
CA LEU A 261 23.48 -74.06 -21.99
C LEU A 261 23.84 -75.40 -21.36
N SER A 262 23.30 -75.71 -20.20
CA SER A 262 23.63 -77.00 -19.57
C SER A 262 23.18 -78.16 -20.46
N ASP A 263 21.98 -78.03 -21.02
CA ASP A 263 21.43 -79.06 -21.90
C ASP A 263 22.28 -79.22 -23.16
N GLU A 264 22.73 -78.11 -23.70
CA GLU A 264 23.58 -78.12 -24.89
C GLU A 264 24.89 -78.82 -24.56
N LYS A 265 25.41 -78.55 -23.38
CA LYS A 265 26.65 -79.17 -22.92
C LYS A 265 26.50 -80.68 -22.80
N LYS A 266 25.34 -81.12 -22.31
CA LYS A 266 25.10 -82.55 -22.10
C LYS A 266 25.14 -83.41 -23.38
N GLU A 267 24.58 -82.87 -24.46
CA GLU A 267 24.41 -83.63 -25.70
C GLU A 267 25.75 -83.98 -26.30
N LEU A 268 26.74 -83.12 -26.06
CA LEU A 268 28.08 -83.35 -26.60
C LEU A 268 28.81 -84.42 -25.79
N GLU A 269 28.37 -84.62 -24.54
CA GLU A 269 28.97 -85.64 -23.68
C GLU A 269 28.32 -86.98 -24.03
N LEU A 270 27.21 -86.90 -24.75
CA LEU A 270 26.48 -88.07 -25.20
C LEU A 270 26.93 -88.29 -26.65
N ALA A 271 27.70 -87.32 -27.15
CA ALA A 271 28.25 -87.35 -28.49
C ALA A 271 29.76 -87.48 -28.41
N SER A 272 30.28 -87.48 -27.18
CA SER A 272 31.71 -87.63 -26.93
C SER A 272 31.97 -89.01 -26.36
N LYS A 273 30.97 -89.54 -25.64
CA LYS A 273 31.07 -90.86 -25.05
C LYS A 273 30.68 -91.90 -26.11
N ASP A 274 30.00 -91.43 -27.14
CA ASP A 274 29.56 -92.28 -28.24
C ASP A 274 30.56 -92.21 -29.38
N LEU A 275 31.11 -91.02 -29.62
CA LEU A 275 32.09 -90.81 -30.68
C LEU A 275 33.44 -90.42 -30.08
N VAL B 3 22.85 -95.42 -10.38
CA VAL B 3 21.49 -94.85 -10.53
C VAL B 3 20.69 -94.97 -9.23
N GLU B 4 20.65 -96.17 -8.66
CA GLU B 4 19.92 -96.40 -7.42
C GLU B 4 20.55 -95.60 -6.28
N ASP B 5 21.70 -94.99 -6.55
CA ASP B 5 22.40 -94.19 -5.55
C ASP B 5 22.38 -92.72 -5.98
N LYS B 6 22.25 -92.50 -7.28
CA LYS B 6 22.20 -91.15 -7.83
C LYS B 6 20.91 -90.45 -7.41
N ARG B 7 19.95 -91.25 -6.95
CA ARG B 7 18.66 -90.73 -6.50
C ARG B 7 18.79 -90.01 -5.17
N ALA B 8 19.52 -90.63 -4.24
CA ALA B 8 19.73 -90.04 -2.92
C ALA B 8 20.62 -88.81 -3.01
N GLU B 9 21.01 -88.47 -4.23
CA GLU B 9 21.87 -87.31 -4.48
C GLU B 9 21.03 -86.09 -4.84
N ILE B 10 20.02 -86.28 -5.68
CA ILE B 10 19.14 -85.20 -6.10
C ILE B 10 18.08 -84.92 -5.04
N SER B 11 17.88 -85.87 -4.13
CA SER B 11 16.90 -85.71 -3.06
C SER B 11 17.37 -84.63 -2.10
N GLU B 12 18.61 -84.75 -1.64
CA GLU B 12 19.20 -83.79 -0.71
C GLU B 12 19.18 -82.40 -1.33
N ILE B 13 19.72 -82.31 -2.54
CA ILE B 13 19.79 -81.04 -3.28
C ILE B 13 18.46 -80.29 -3.26
N GLU B 14 17.42 -80.89 -3.81
CA GLU B 14 16.12 -80.25 -3.84
C GLU B 14 15.67 -79.91 -2.43
N GLY B 15 15.91 -80.84 -1.50
CA GLY B 15 15.53 -80.60 -0.11
C GLY B 15 16.17 -79.34 0.43
N LYS B 16 17.33 -78.99 -0.13
CA LYS B 16 18.05 -77.78 0.28
C LYS B 16 17.45 -76.58 -0.44
N LEU B 17 17.11 -76.77 -1.71
CA LEU B 17 16.52 -75.69 -2.50
C LEU B 17 15.12 -75.38 -2.00
N SER B 18 14.48 -76.38 -1.42
CA SER B 18 13.15 -76.19 -0.87
C SER B 18 13.31 -75.28 0.36
N THR B 19 14.28 -75.61 1.20
CA THR B 19 14.54 -74.82 2.40
C THR B 19 14.81 -73.38 2.00
N ILE B 20 15.47 -73.19 0.87
CA ILE B 20 15.78 -71.85 0.38
C ILE B 20 14.50 -71.09 0.08
N GLN B 21 13.66 -71.66 -0.77
CA GLN B 21 12.39 -71.04 -1.12
C GLN B 21 11.61 -70.80 0.17
N ALA B 22 11.90 -71.61 1.18
CA ALA B 22 11.25 -71.49 2.48
C ALA B 22 11.83 -70.31 3.23
N LYS B 23 13.15 -70.31 3.38
CA LYS B 23 13.85 -69.23 4.08
C LYS B 23 13.64 -67.91 3.35
N ARG B 24 13.30 -68.00 2.06
CA ARG B 24 13.06 -66.80 1.26
C ARG B 24 11.76 -66.14 1.68
N ILE B 25 10.67 -66.90 1.61
CA ILE B 25 9.36 -66.39 1.99
C ILE B 25 9.42 -65.83 3.39
N LYS B 26 10.02 -66.60 4.30
CA LYS B 26 10.15 -66.21 5.70
C LYS B 26 10.73 -64.81 5.81
N VAL B 27 11.48 -64.41 4.77
CA VAL B 27 12.10 -63.10 4.73
C VAL B 27 11.18 -62.05 4.12
N GLU B 28 10.66 -62.34 2.93
CA GLU B 28 9.77 -61.40 2.26
C GLU B 28 8.67 -60.95 3.20
N LYS B 29 8.25 -61.84 4.09
CA LYS B 29 7.22 -61.50 5.06
C LYS B 29 7.76 -60.39 5.96
N GLU B 30 8.92 -60.64 6.57
CA GLU B 30 9.55 -59.66 7.43
C GLU B 30 9.77 -58.36 6.65
N ILE B 31 10.45 -58.45 5.52
CA ILE B 31 10.72 -57.29 4.69
C ILE B 31 9.43 -56.51 4.44
N GLU B 32 8.42 -57.18 3.90
CA GLU B 32 7.15 -56.56 3.61
C GLU B 32 6.59 -55.92 4.88
N ALA B 33 6.87 -56.52 6.03
CA ALA B 33 6.40 -56.01 7.31
C ALA B 33 7.21 -54.80 7.77
N LYS B 34 8.53 -54.89 7.62
CA LYS B 34 9.41 -53.81 8.03
C LYS B 34 9.22 -52.57 7.15
N SER B 35 9.52 -52.70 5.87
CA SER B 35 9.40 -51.59 4.92
C SER B 35 8.04 -50.91 5.04
N ASN B 36 7.04 -51.67 5.49
CA ASN B 36 5.70 -51.15 5.65
C ASN B 36 5.63 -50.29 6.91
N GLU B 37 6.13 -50.82 8.02
CA GLU B 37 6.14 -50.11 9.29
C GLU B 37 7.01 -48.87 9.22
N LEU B 38 7.95 -48.87 8.28
CA LEU B 38 8.87 -47.75 8.09
C LEU B 38 8.13 -46.61 7.40
N GLU B 39 7.41 -46.95 6.34
CA GLU B 39 6.65 -45.96 5.59
C GLU B 39 5.72 -45.21 6.53
N LYS B 40 5.25 -45.91 7.57
CA LYS B 40 4.35 -45.31 8.55
C LYS B 40 5.11 -44.39 9.52
N VAL B 41 6.24 -44.87 10.02
CA VAL B 41 7.05 -44.09 10.96
C VAL B 41 7.67 -42.87 10.30
N SER B 42 8.10 -43.00 9.05
CA SER B 42 8.70 -41.89 8.32
C SER B 42 7.63 -40.85 7.99
N LYS B 43 6.41 -41.33 7.79
CA LYS B 43 5.28 -40.45 7.47
C LYS B 43 4.93 -39.60 8.68
N GLU B 44 4.97 -40.22 9.87
CA GLU B 44 4.67 -39.52 11.11
C GLU B 44 5.88 -38.74 11.57
N LEU B 45 7.02 -39.00 10.93
CA LEU B 45 8.26 -38.31 11.28
C LEU B 45 8.31 -36.97 10.58
N GLU B 46 8.09 -36.97 9.27
CA GLU B 46 8.10 -35.73 8.50
C GLU B 46 7.01 -34.81 9.04
N SER B 47 5.93 -35.44 9.52
CA SER B 47 4.79 -34.71 10.09
C SER B 47 5.23 -33.89 11.29
N SER B 48 5.71 -34.57 12.31
CA SER B 48 6.17 -33.90 13.53
C SER B 48 7.51 -33.19 13.31
N GLU B 49 8.16 -33.50 12.20
CA GLU B 49 9.43 -32.89 11.86
C GLU B 49 9.16 -31.43 11.53
N ARG B 50 8.07 -31.21 10.80
CA ARG B 50 7.65 -29.87 10.40
C ARG B 50 7.30 -29.07 11.64
N GLU B 51 6.36 -29.57 12.43
CA GLU B 51 5.93 -28.91 13.65
C GLU B 51 7.07 -28.39 14.51
N LEU B 52 8.08 -29.23 14.74
CA LEU B 52 9.22 -28.81 15.55
C LEU B 52 9.87 -27.57 14.96
N ILE B 53 10.34 -27.70 13.72
CA ILE B 53 11.01 -26.59 13.04
C ILE B 53 10.15 -25.33 13.06
N ALA B 54 8.85 -25.49 12.86
CA ALA B 54 7.93 -24.35 12.85
C ALA B 54 7.95 -23.63 14.20
N ALA B 55 7.42 -24.28 15.22
CA ALA B 55 7.35 -23.70 16.56
C ALA B 55 8.70 -23.16 17.02
N GLU B 56 9.80 -23.78 16.60
CA GLU B 56 11.13 -23.32 16.99
C GLU B 56 11.52 -22.11 16.18
N ALA B 57 11.22 -22.13 14.88
CA ALA B 57 11.56 -21.01 14.01
C ALA B 57 10.87 -19.75 14.52
N GLN B 58 9.71 -19.93 15.16
CA GLN B 58 8.96 -18.80 15.69
C GLN B 58 9.59 -18.24 16.96
N ARG B 59 10.00 -19.13 17.86
CA ARG B 59 10.61 -18.70 19.12
C ARG B 59 11.93 -17.96 18.89
N GLU B 60 12.39 -17.94 17.64
CA GLU B 60 13.63 -17.23 17.31
C GLU B 60 13.23 -15.80 16.98
N VAL B 61 12.30 -15.66 16.04
CA VAL B 61 11.80 -14.36 15.63
C VAL B 61 11.14 -13.71 16.83
N ARG B 62 10.39 -14.50 17.58
CA ARG B 62 9.70 -14.02 18.76
C ARG B 62 10.71 -13.81 19.89
N GLY B 63 11.94 -14.26 19.66
CA GLY B 63 13.00 -14.11 20.64
C GLY B 63 12.86 -14.97 21.88
N ASN B 64 11.99 -15.98 21.82
CA ASN B 64 11.75 -16.88 22.94
C ASN B 64 12.97 -17.72 23.30
N ARG B 65 13.57 -18.35 22.30
CA ARG B 65 14.73 -19.19 22.53
C ARG B 65 15.89 -18.37 23.08
N ALA B 66 15.76 -17.05 22.98
CA ALA B 66 16.79 -16.13 23.47
C ALA B 66 16.77 -16.06 25.00
N ALA B 67 15.59 -15.92 25.56
CA ALA B 67 15.43 -15.84 27.00
C ALA B 67 15.71 -17.19 27.66
N GLU B 68 15.39 -18.26 26.94
CA GLU B 68 15.63 -19.61 27.45
C GLU B 68 17.12 -19.77 27.69
N GLU B 69 17.92 -19.27 26.75
CA GLU B 69 19.37 -19.34 26.83
C GLU B 69 19.92 -18.13 27.58
N LEU B 70 19.03 -17.25 28.02
CA LEU B 70 19.44 -16.06 28.76
C LEU B 70 19.28 -16.35 30.26
N LYS B 71 18.43 -17.33 30.57
CA LYS B 71 18.21 -17.73 31.96
C LYS B 71 19.32 -18.67 32.40
N ARG B 72 20.32 -18.82 31.53
CA ARG B 72 21.47 -19.68 31.82
C ARG B 72 22.65 -18.84 32.30
N SER B 73 22.33 -17.65 32.81
CA SER B 73 23.33 -16.69 33.21
C SER B 73 22.92 -16.07 34.54
N GLY B 74 23.89 -15.55 35.28
CA GLY B 74 23.58 -14.98 36.57
C GLY B 74 23.40 -13.48 36.53
N ILE B 75 22.18 -13.05 36.86
CA ILE B 75 21.87 -11.66 37.10
C ILE B 75 20.79 -11.62 38.16
N GLY B 76 20.87 -10.68 39.09
CA GLY B 76 19.74 -10.47 39.98
C GLY B 76 18.80 -9.44 39.39
N GLY B 77 17.53 -9.83 39.21
CA GLY B 77 16.53 -8.95 38.64
C GLY B 77 15.69 -9.49 37.49
N ILE B 78 16.00 -10.70 37.02
CA ILE B 78 15.29 -11.24 35.88
C ILE B 78 14.21 -12.29 36.18
N TYR B 79 12.98 -11.89 35.84
CA TYR B 79 11.79 -12.68 36.06
C TYR B 79 11.18 -13.26 34.79
N GLY B 80 11.92 -13.22 33.69
CA GLY B 80 11.49 -13.87 32.46
C GLY B 80 10.49 -13.03 31.68
N THR B 81 9.90 -13.62 30.65
CA THR B 81 8.93 -12.92 29.81
C THR B 81 7.54 -12.98 30.44
N LEU B 82 6.63 -12.13 29.97
CA LEU B 82 5.27 -12.11 30.49
C LEU B 82 4.49 -13.36 30.08
N ALA B 83 4.85 -13.93 28.94
CA ALA B 83 4.18 -15.13 28.44
C ALA B 83 4.24 -16.26 29.47
N GLU B 84 5.21 -16.17 30.36
CA GLU B 84 5.42 -17.19 31.39
C GLU B 84 4.91 -16.75 32.76
N LEU B 85 4.99 -15.45 33.03
CA LEU B 85 4.58 -14.91 34.34
C LEU B 85 3.10 -14.55 34.45
N ILE B 86 2.33 -14.85 33.41
CA ILE B 86 0.90 -14.55 33.44
C ILE B 86 0.07 -15.78 33.06
N LYS B 87 -0.96 -16.05 33.86
CA LYS B 87 -1.84 -17.18 33.61
C LYS B 87 -3.29 -16.71 33.52
N VAL B 88 -3.88 -16.93 32.35
CA VAL B 88 -5.26 -16.58 32.08
C VAL B 88 -6.16 -17.58 32.79
N LYS B 89 -7.42 -17.19 33.01
CA LYS B 89 -8.34 -18.07 33.70
C LYS B 89 -9.22 -18.87 32.74
N ASP B 90 -8.99 -20.18 32.86
CA ASP B 90 -9.73 -21.27 32.24
C ASP B 90 -9.65 -21.15 30.73
N GLU B 91 -10.79 -21.28 30.06
CA GLU B 91 -10.89 -21.07 28.62
C GLU B 91 -11.94 -20.02 28.33
N ALA B 92 -11.59 -19.03 27.51
CA ALA B 92 -12.49 -17.94 27.15
C ALA B 92 -11.70 -16.75 26.59
N TYR B 93 -10.89 -16.13 27.44
CA TYR B 93 -10.12 -14.95 27.03
C TYR B 93 -8.74 -15.26 26.45
N ALA B 94 -8.35 -16.54 26.45
CA ALA B 94 -7.01 -16.90 26.02
C ALA B 94 -6.63 -16.07 24.82
N LEU B 95 -7.39 -16.25 23.74
CA LEU B 95 -7.16 -15.52 22.50
C LEU B 95 -7.09 -14.02 22.76
N ALA B 96 -8.14 -13.50 23.39
CA ALA B 96 -8.22 -12.08 23.71
C ALA B 96 -6.94 -11.54 24.34
N ILE B 97 -6.55 -12.12 25.46
CA ILE B 97 -5.35 -11.67 26.17
C ILE B 97 -4.08 -11.85 25.35
N GLU B 98 -4.03 -12.92 24.55
CA GLU B 98 -2.85 -13.16 23.72
C GLU B 98 -2.68 -12.00 22.74
N VAL B 99 -3.80 -11.43 22.31
CA VAL B 99 -3.80 -10.31 21.38
C VAL B 99 -3.40 -9.01 22.05
N ALA B 100 -4.04 -8.73 23.20
CA ALA B 100 -3.76 -7.51 23.95
C ALA B 100 -2.28 -7.38 24.28
N LEU B 101 -1.59 -8.52 24.29
CA LEU B 101 -0.15 -8.57 24.57
C LEU B 101 0.60 -8.76 23.25
N GLY B 102 0.31 -9.88 22.59
CA GLY B 102 0.96 -10.17 21.33
C GLY B 102 2.47 -10.14 21.40
N ASN B 103 3.05 -9.04 20.94
CA ASN B 103 4.49 -8.88 20.96
C ASN B 103 4.98 -8.42 22.32
N ARG B 104 4.04 -8.01 23.17
CA ARG B 104 4.39 -7.55 24.51
C ARG B 104 4.59 -8.75 25.44
N ALA B 105 4.07 -9.90 25.03
CA ALA B 105 4.19 -11.12 25.83
C ALA B 105 5.55 -11.77 25.63
N ASP B 106 6.50 -11.03 25.08
CA ASP B 106 7.84 -11.54 24.85
C ASP B 106 8.86 -10.66 25.57
N ASN B 107 8.38 -9.59 26.17
CA ASN B 107 9.25 -8.67 26.90
C ASN B 107 9.72 -9.37 28.17
N VAL B 108 10.98 -9.17 28.51
CA VAL B 108 11.54 -9.79 29.71
C VAL B 108 11.59 -8.77 30.84
N VAL B 109 11.00 -9.13 31.98
CA VAL B 109 10.97 -8.25 33.14
C VAL B 109 12.27 -8.33 33.93
N VAL B 110 12.72 -7.17 34.40
CA VAL B 110 13.95 -7.09 35.18
C VAL B 110 13.72 -6.22 36.41
N GLU B 111 14.69 -6.22 37.33
CA GLU B 111 14.57 -5.42 38.54
C GLU B 111 14.85 -3.94 38.32
N ASP B 112 16.06 -3.63 37.86
CA ASP B 112 16.44 -2.24 37.59
C ASP B 112 17.09 -2.08 36.22
N GLU B 113 17.26 -0.84 35.79
CA GLU B 113 17.86 -0.56 34.48
C GLU B 113 19.22 -1.23 34.33
N LEU B 114 19.95 -1.37 35.43
CA LEU B 114 21.27 -1.99 35.39
C LEU B 114 21.15 -3.48 35.07
N VAL B 115 20.01 -4.08 35.42
CA VAL B 115 19.77 -5.49 35.16
C VAL B 115 19.58 -5.68 33.66
N ALA B 116 18.93 -4.72 33.02
CA ALA B 116 18.67 -4.76 31.59
C ALA B 116 19.92 -4.43 30.78
N GLU B 117 20.67 -3.42 31.22
CA GLU B 117 21.88 -3.02 30.52
C GLU B 117 22.85 -4.20 30.39
N LYS B 118 22.91 -5.03 31.42
CA LYS B 118 23.79 -6.20 31.42
C LYS B 118 23.12 -7.39 30.74
N ALA B 119 21.81 -7.34 30.61
CA ALA B 119 21.06 -8.41 29.96
C ALA B 119 21.30 -8.28 28.45
N ILE B 120 21.49 -7.05 28.01
CA ILE B 120 21.75 -6.76 26.60
C ILE B 120 23.15 -7.24 26.23
N LYS B 121 24.12 -6.91 27.07
CA LYS B 121 25.51 -7.30 26.82
C LYS B 121 25.59 -8.79 26.52
N TYR B 122 24.84 -9.59 27.27
CA TYR B 122 24.84 -11.03 27.06
C TYR B 122 24.39 -11.31 25.63
N LEU B 123 23.55 -10.44 25.10
CA LEU B 123 23.03 -10.58 23.75
C LEU B 123 24.06 -10.20 22.69
N LYS B 124 24.70 -9.05 22.87
CA LYS B 124 25.71 -8.59 21.91
C LYS B 124 27.01 -9.37 22.04
N GLU B 125 27.21 -10.02 23.18
CA GLU B 125 28.42 -10.80 23.44
C GLU B 125 28.19 -12.28 23.11
N HIS B 126 27.08 -12.55 22.43
CA HIS B 126 26.73 -13.92 22.06
C HIS B 126 25.95 -13.99 20.75
N LYS B 127 25.76 -12.83 20.11
CA LYS B 127 25.00 -12.77 18.87
C LYS B 127 23.71 -13.55 19.03
N LEU B 128 22.77 -12.98 19.78
CA LEU B 128 21.49 -13.62 20.04
C LEU B 128 20.32 -12.87 19.41
N GLY B 129 20.47 -11.56 19.30
CA GLY B 129 19.42 -10.75 18.72
C GLY B 129 18.86 -9.70 19.66
N ARG B 130 17.97 -8.86 19.14
CA ARG B 130 17.36 -7.80 19.94
C ARG B 130 16.35 -8.40 20.91
N LEU B 131 16.01 -7.62 21.93
CA LEU B 131 15.05 -8.08 22.94
C LEU B 131 14.61 -6.90 23.80
N THR B 132 13.36 -6.93 24.25
CA THR B 132 12.83 -5.86 25.08
C THR B 132 12.81 -6.25 26.55
N PHE B 133 13.14 -5.28 27.40
CA PHE B 133 13.20 -5.49 28.84
C PHE B 133 12.33 -4.48 29.58
N LEU B 134 11.84 -4.87 30.75
CA LEU B 134 11.01 -4.01 31.56
C LEU B 134 11.58 -3.78 32.96
N PRO B 135 12.19 -2.61 33.20
CA PRO B 135 12.77 -2.28 34.50
C PRO B 135 11.68 -1.94 35.51
N LEU B 136 11.39 -2.87 36.42
CA LEU B 136 10.34 -2.66 37.42
C LEU B 136 10.41 -1.29 38.10
N ASN B 137 11.62 -0.77 38.26
CA ASN B 137 11.82 0.52 38.91
C ASN B 137 11.64 1.72 37.97
N LYS B 138 11.12 1.48 36.78
CA LYS B 138 10.92 2.56 35.82
C LYS B 138 9.69 2.36 34.96
N ILE B 139 9.15 1.14 34.95
CA ILE B 139 7.97 0.83 34.14
C ILE B 139 6.79 1.68 34.59
N LYS B 140 6.27 2.50 33.68
CA LYS B 140 5.12 3.33 33.99
C LYS B 140 3.85 2.54 33.69
N PRO B 141 3.15 2.06 34.73
CA PRO B 141 1.92 1.29 34.59
C PRO B 141 0.77 2.11 34.03
N LYS B 142 -0.24 1.43 33.50
CA LYS B 142 -1.41 2.09 32.94
C LYS B 142 -2.67 1.63 33.65
N HIS B 143 -3.61 2.54 33.85
CA HIS B 143 -4.85 2.21 34.54
C HIS B 143 -6.11 2.51 33.74
N VAL B 144 -7.15 1.71 33.98
CA VAL B 144 -8.43 1.85 33.29
C VAL B 144 -9.31 2.92 33.95
N ASP B 145 -9.86 3.81 33.12
CA ASP B 145 -10.71 4.87 33.60
C ASP B 145 -12.17 4.47 33.42
N SER B 146 -12.62 4.47 32.17
CA SER B 146 -13.99 4.11 31.83
C SER B 146 -14.21 2.61 31.92
N SER B 147 -15.33 2.21 32.53
CA SER B 147 -15.66 0.80 32.66
C SER B 147 -16.60 0.43 31.53
N VAL B 148 -16.08 -0.31 30.55
CA VAL B 148 -16.89 -0.73 29.40
C VAL B 148 -17.01 -2.25 29.43
N GLY B 149 -15.90 -2.93 29.21
CA GLY B 149 -15.90 -4.38 29.22
C GLY B 149 -15.11 -4.80 30.45
N LEU B 150 -15.10 -6.10 30.75
CA LEU B 150 -14.35 -6.56 31.91
C LEU B 150 -12.86 -6.35 31.62
N PRO B 151 -12.17 -5.57 32.47
CA PRO B 151 -10.75 -5.30 32.27
C PRO B 151 -9.93 -6.57 32.07
N ALA B 152 -9.07 -6.56 31.06
CA ALA B 152 -8.24 -7.71 30.75
C ALA B 152 -7.36 -8.08 31.94
N VAL B 153 -7.14 -7.10 32.82
CA VAL B 153 -6.31 -7.31 34.00
C VAL B 153 -7.05 -8.01 35.14
N ASP B 154 -8.38 -8.06 35.05
CA ASP B 154 -9.18 -8.71 36.08
C ASP B 154 -9.50 -10.17 35.77
N VAL B 155 -8.87 -10.72 34.73
CA VAL B 155 -9.09 -12.11 34.36
C VAL B 155 -7.78 -12.88 34.21
N ILE B 156 -6.76 -12.41 34.92
CA ILE B 156 -5.45 -13.04 34.88
C ILE B 156 -4.90 -13.26 36.28
N GLU B 157 -3.92 -14.14 36.38
CA GLU B 157 -3.28 -14.43 37.65
C GLU B 157 -1.78 -14.23 37.48
N TYR B 158 -1.26 -13.14 38.05
CA TYR B 158 0.16 -12.82 37.97
C TYR B 158 0.72 -12.56 39.36
N ASP B 159 2.03 -12.78 39.51
CA ASP B 159 2.69 -12.55 40.79
C ASP B 159 2.53 -11.06 41.13
N GLN B 160 2.27 -10.77 42.40
CA GLN B 160 2.07 -9.39 42.83
C GLN B 160 3.35 -8.55 42.91
N LYS B 161 4.49 -9.14 42.53
CA LYS B 161 5.75 -8.41 42.56
C LYS B 161 6.03 -7.77 41.20
N ILE B 162 5.51 -8.39 40.15
CA ILE B 162 5.67 -7.88 38.78
C ILE B 162 4.42 -7.10 38.40
N GLU B 163 3.78 -6.53 39.42
CA GLU B 163 2.56 -5.76 39.24
C GLU B 163 2.63 -4.74 38.11
N ASN B 164 3.48 -3.74 38.26
CA ASN B 164 3.63 -2.67 37.26
C ASN B 164 3.83 -3.15 35.82
N ALA B 165 4.63 -4.21 35.65
CA ALA B 165 4.90 -4.75 34.32
C ALA B 165 3.64 -5.21 33.59
N VAL B 166 2.70 -5.78 34.35
CA VAL B 166 1.47 -6.25 33.76
C VAL B 166 0.46 -5.11 33.63
N LYS B 167 0.54 -4.14 34.55
CA LYS B 167 -0.36 -2.99 34.49
C LYS B 167 0.10 -2.07 33.39
N PHE B 168 1.25 -2.38 32.80
CA PHE B 168 1.81 -1.60 31.71
C PHE B 168 1.38 -2.23 30.38
N ALA B 169 1.48 -3.55 30.31
CA ALA B 169 1.12 -4.28 29.11
C ALA B 169 -0.38 -4.52 28.96
N LEU B 170 -1.11 -4.53 30.08
CA LEU B 170 -2.54 -4.76 30.05
C LEU B 170 -3.33 -3.75 30.87
N GLY B 171 -2.65 -2.73 31.37
CA GLY B 171 -3.28 -1.72 32.20
C GLY B 171 -4.52 -1.03 31.65
N ASP B 172 -4.39 -0.44 30.47
CA ASP B 172 -5.51 0.27 29.86
C ASP B 172 -6.23 -0.60 28.84
N THR B 173 -5.97 -1.90 28.88
CA THR B 173 -6.60 -2.83 27.96
C THR B 173 -7.88 -3.43 28.54
N VAL B 174 -8.92 -3.48 27.72
CA VAL B 174 -10.21 -4.02 28.14
C VAL B 174 -10.65 -5.16 27.21
N ILE B 175 -11.60 -5.96 27.67
CA ILE B 175 -12.09 -7.07 26.85
C ILE B 175 -13.58 -6.90 26.58
N VAL B 176 -13.92 -6.76 25.31
CA VAL B 176 -15.32 -6.61 24.92
C VAL B 176 -15.75 -7.83 24.10
N ASN B 177 -17.04 -7.95 23.84
CA ASN B 177 -17.56 -9.09 23.09
C ASN B 177 -17.39 -8.98 21.59
N SER B 178 -18.22 -8.15 20.95
CA SER B 178 -18.15 -7.97 19.51
C SER B 178 -17.80 -6.54 19.15
N MET B 179 -17.34 -6.34 17.92
CA MET B 179 -16.95 -5.01 17.44
C MET B 179 -18.08 -4.00 17.58
N GLU B 180 -19.30 -4.50 17.73
CA GLU B 180 -20.47 -3.63 17.87
C GLU B 180 -20.53 -3.03 19.26
N GLU B 181 -20.02 -3.74 20.26
CA GLU B 181 -20.03 -3.25 21.63
C GLU B 181 -18.87 -2.26 21.81
N ALA B 182 -17.98 -2.22 20.84
CA ALA B 182 -16.81 -1.34 20.88
C ALA B 182 -17.05 0.01 20.22
N ARG B 183 -17.79 0.02 19.12
CA ARG B 183 -18.09 1.25 18.37
C ARG B 183 -18.28 2.49 19.23
N PRO B 184 -19.14 2.41 20.26
CA PRO B 184 -19.39 3.57 21.12
C PRO B 184 -18.13 4.22 21.68
N HIS B 185 -17.03 3.49 21.70
CA HIS B 185 -15.79 4.02 22.25
C HIS B 185 -14.55 3.85 21.39
N ILE B 186 -14.69 3.22 20.24
CA ILE B 186 -13.49 2.95 19.51
C ILE B 186 -12.89 4.32 19.38
N GLY B 187 -11.64 4.41 19.79
CA GLY B 187 -10.84 5.62 19.65
C GLY B 187 -10.61 6.25 21.00
N LYS B 188 -11.43 5.86 21.97
CA LYS B 188 -11.36 6.38 23.33
C LYS B 188 -10.65 5.43 24.28
N VAL B 189 -11.11 4.17 24.31
CA VAL B 189 -10.53 3.15 25.17
C VAL B 189 -9.91 2.01 24.37
N ARG B 190 -8.79 1.48 24.86
CA ARG B 190 -8.12 0.37 24.20
C ARG B 190 -8.89 -0.89 24.54
N MET B 191 -9.48 -1.52 23.53
CA MET B 191 -10.28 -2.72 23.75
C MET B 191 -10.10 -3.81 22.70
N VAL B 192 -10.22 -5.06 23.14
CA VAL B 192 -10.08 -6.23 22.27
C VAL B 192 -11.26 -7.16 22.44
N THR B 193 -11.77 -7.69 21.33
CA THR B 193 -12.90 -8.60 21.36
C THR B 193 -12.44 -10.02 21.68
N ILE B 194 -13.39 -10.88 22.02
CA ILE B 194 -13.09 -12.26 22.36
C ILE B 194 -12.54 -13.05 21.18
N GLU B 195 -12.83 -12.60 19.96
CA GLU B 195 -12.36 -13.29 18.77
C GLU B 195 -11.04 -12.73 18.24
N GLY B 196 -10.43 -11.84 19.01
CA GLY B 196 -9.16 -11.25 18.59
C GLY B 196 -9.32 -10.11 17.62
N GLU B 197 -9.74 -8.95 18.15
CA GLU B 197 -9.92 -7.75 17.35
C GLU B 197 -9.55 -6.58 18.25
N LEU B 198 -8.28 -6.19 18.20
CA LEU B 198 -7.79 -5.09 19.03
C LEU B 198 -7.96 -3.72 18.37
N TYR B 199 -8.66 -2.82 19.07
CA TYR B 199 -8.87 -1.46 18.58
C TYR B 199 -8.11 -0.51 19.48
N GLU B 200 -6.86 -0.25 19.11
CA GLU B 200 -6.00 0.64 19.88
C GLU B 200 -6.54 2.07 19.89
N ARG B 201 -6.26 2.79 20.97
CA ARG B 201 -6.70 4.17 21.13
C ARG B 201 -6.15 5.06 20.02
N SER B 202 -5.17 4.54 19.29
CA SER B 202 -4.52 5.26 18.20
C SER B 202 -5.22 5.03 16.87
N GLY B 203 -6.35 4.31 16.91
CA GLY B 203 -7.10 4.03 15.70
C GLY B 203 -6.61 2.78 14.98
N ALA B 204 -5.55 2.18 15.53
CA ALA B 204 -4.97 0.97 14.95
C ALA B 204 -5.88 -0.24 15.19
N ILE B 205 -6.01 -1.08 14.16
CA ILE B 205 -6.85 -2.27 14.27
C ILE B 205 -6.06 -3.55 14.02
N THR B 206 -6.16 -4.49 14.94
CA THR B 206 -5.46 -5.78 14.82
C THR B 206 -6.51 -6.88 14.67
N GLY B 207 -6.27 -7.81 13.74
CA GLY B 207 -7.22 -8.89 13.54
C GLY B 207 -6.69 -10.06 12.72
N GLY B 208 -7.26 -11.24 12.96
CA GLY B 208 -6.83 -12.43 12.25
C GLY B 208 -6.89 -13.69 13.09
N HIS B 209 -7.02 -14.84 12.44
CA HIS B 209 -7.08 -16.13 13.13
C HIS B 209 -6.01 -17.08 12.61
N PHE B 210 -5.04 -17.38 13.46
CA PHE B 210 -3.95 -18.27 13.08
C PHE B 210 -4.29 -19.76 13.15
N ARG B 211 -3.27 -20.62 13.11
CA ARG B 211 -3.45 -22.07 13.17
C ARG B 211 -2.70 -22.66 14.36
N ALA B 212 -3.38 -22.76 15.50
CA ALA B 212 -2.78 -23.30 16.71
C ALA B 212 -3.18 -24.76 16.92
N ARG B 213 -2.21 -25.65 16.91
CA ARG B 213 -2.47 -27.08 17.09
C ARG B 213 -1.63 -27.64 18.24
N VAL B 217 6.13 -27.99 28.89
CA VAL B 217 6.33 -27.36 27.60
C VAL B 217 5.84 -28.27 26.47
N ASP B 218 5.25 -27.67 25.45
CA ASP B 218 4.74 -28.41 24.30
C ASP B 218 5.86 -28.74 23.32
N THR B 219 6.95 -27.98 23.38
CA THR B 219 8.08 -28.17 22.49
C THR B 219 8.96 -29.34 22.92
N THR B 220 9.37 -29.35 24.20
CA THR B 220 10.22 -30.41 24.72
C THR B 220 9.65 -31.78 24.43
N LYS B 221 8.32 -31.87 24.43
CA LYS B 221 7.65 -33.14 24.15
C LYS B 221 7.91 -33.58 22.73
N LEU B 222 7.82 -32.64 21.78
CA LEU B 222 8.06 -32.95 20.38
C LEU B 222 9.49 -33.42 20.14
N ARG B 223 10.45 -32.81 20.81
CA ARG B 223 11.85 -33.21 20.66
C ARG B 223 11.99 -34.66 21.08
N GLU B 224 11.34 -35.02 22.17
CA GLU B 224 11.37 -36.39 22.68
C GLU B 224 10.77 -37.33 21.65
N LYS B 225 9.63 -36.92 21.08
CA LYS B 225 8.94 -37.72 20.08
C LYS B 225 9.70 -37.77 18.76
N VAL B 226 10.38 -36.68 18.42
CA VAL B 226 11.14 -36.64 17.17
C VAL B 226 12.37 -37.54 17.28
N GLU B 227 13.03 -37.52 18.44
CA GLU B 227 14.21 -38.36 18.65
C GLU B 227 13.80 -39.83 18.56
N SER B 228 12.68 -40.15 19.21
CA SER B 228 12.16 -41.51 19.22
C SER B 228 12.00 -42.04 17.80
N LEU B 229 11.29 -41.27 16.97
CA LEU B 229 11.04 -41.64 15.58
C LEU B 229 12.34 -41.82 14.80
N ARG B 230 13.25 -40.85 14.93
CA ARG B 230 14.52 -40.93 14.24
C ARG B 230 15.25 -42.22 14.60
N ARG B 231 15.13 -42.62 15.86
CA ARG B 231 15.76 -43.87 16.31
C ARG B 231 15.06 -45.03 15.61
N ARG B 232 13.74 -45.08 15.74
CA ARG B 232 12.96 -46.14 15.09
C ARG B 232 13.34 -46.20 13.62
N LYS B 233 13.34 -45.04 12.98
CA LYS B 233 13.68 -44.95 11.57
C LYS B 233 15.05 -45.57 11.27
N GLU B 234 16.10 -45.01 11.86
CA GLU B 234 17.46 -45.51 11.65
C GLU B 234 17.59 -47.01 11.83
N ALA B 235 16.93 -47.54 12.86
CA ALA B 235 16.98 -48.98 13.14
C ALA B 235 16.34 -49.76 12.01
N LEU B 236 15.11 -49.40 11.69
CA LEU B 236 14.36 -50.06 10.63
C LEU B 236 15.14 -50.06 9.32
N GLU B 237 15.63 -48.89 8.92
CA GLU B 237 16.40 -48.77 7.68
C GLU B 237 17.54 -49.78 7.69
N GLY B 238 18.25 -49.85 8.82
CA GLY B 238 19.35 -50.78 8.95
C GLY B 238 18.88 -52.21 8.74
N GLU B 239 17.91 -52.62 9.53
CA GLU B 239 17.35 -53.98 9.44
C GLU B 239 16.81 -54.25 8.04
N LEU B 240 15.84 -53.44 7.63
CA LEU B 240 15.20 -53.58 6.32
C LEU B 240 16.23 -53.67 5.20
N ASN B 241 17.44 -53.18 5.46
CA ASN B 241 18.48 -53.21 4.45
C ASN B 241 19.25 -54.53 4.48
N SER B 242 19.60 -54.99 5.67
CA SER B 242 20.34 -56.24 5.81
C SER B 242 19.50 -57.41 5.32
N LEU B 243 18.17 -57.28 5.42
CA LEU B 243 17.27 -58.33 4.96
C LEU B 243 17.26 -58.38 3.43
N LYS B 244 17.14 -57.22 2.80
CA LYS B 244 17.13 -57.15 1.35
C LYS B 244 18.44 -57.77 0.82
N ILE B 245 19.45 -57.77 1.67
CA ILE B 245 20.76 -58.33 1.33
C ILE B 245 20.67 -59.85 1.37
N GLU B 246 20.25 -60.38 2.52
CA GLU B 246 20.11 -61.82 2.71
C GLU B 246 19.11 -62.39 1.71
N LEU B 247 18.15 -61.58 1.31
CA LEU B 247 17.15 -62.00 0.35
C LEU B 247 17.89 -62.39 -0.93
N ARG B 248 18.62 -61.44 -1.51
CA ARG B 248 19.39 -61.71 -2.72
C ARG B 248 20.35 -62.87 -2.49
N SER B 249 20.91 -62.92 -1.29
CA SER B 249 21.83 -63.99 -0.93
C SER B 249 21.18 -65.34 -1.20
N LEU B 250 19.90 -65.41 -0.83
CA LEU B 250 19.06 -66.57 -1.10
C LEU B 250 18.75 -66.74 -2.58
N GLU B 251 18.44 -65.63 -3.24
CA GLU B 251 18.07 -65.65 -4.65
C GLU B 251 19.22 -66.12 -5.53
N ASN B 252 20.42 -65.63 -5.24
CA ASN B 252 21.58 -66.00 -6.03
C ASN B 252 21.84 -67.48 -5.88
N ALA B 253 21.74 -67.97 -4.65
CA ALA B 253 21.95 -69.37 -4.36
C ALA B 253 20.92 -70.23 -5.08
N SER B 254 19.68 -69.74 -5.08
CA SER B 254 18.60 -70.46 -5.74
C SER B 254 18.84 -70.56 -7.24
N PHE B 255 19.31 -69.47 -7.85
CA PHE B 255 19.61 -69.51 -9.27
C PHE B 255 20.74 -70.49 -9.51
N GLU B 256 21.73 -70.41 -8.63
CA GLU B 256 22.88 -71.30 -8.65
C GLU B 256 22.52 -72.75 -8.34
N LEU B 257 21.64 -72.95 -7.36
CA LEU B 257 21.15 -74.28 -7.04
C LEU B 257 20.33 -74.87 -8.18
N ARG B 258 19.52 -74.03 -8.82
CA ARG B 258 18.63 -74.47 -9.89
C ARG B 258 19.41 -74.99 -11.10
N ILE B 259 20.50 -74.30 -11.43
CA ILE B 259 21.32 -74.68 -12.57
C ILE B 259 21.93 -76.07 -12.35
N LYS B 260 22.35 -76.33 -11.12
CA LYS B 260 22.97 -77.59 -10.76
C LYS B 260 22.00 -78.77 -10.93
N LEU B 261 20.76 -78.58 -10.55
CA LEU B 261 19.77 -79.66 -10.61
C LEU B 261 19.56 -80.10 -12.05
N SER B 262 19.38 -79.13 -12.94
CA SER B 262 19.17 -79.42 -14.35
C SER B 262 20.35 -80.21 -14.93
N ASP B 263 21.56 -79.76 -14.64
CA ASP B 263 22.77 -80.41 -15.13
C ASP B 263 22.77 -81.88 -14.72
N GLU B 264 21.97 -82.20 -13.71
CA GLU B 264 21.87 -83.58 -13.21
C GLU B 264 20.64 -84.29 -13.75
N LYS B 265 19.55 -83.56 -13.92
CA LYS B 265 18.32 -84.16 -14.43
C LYS B 265 18.61 -84.79 -15.80
N LYS B 266 19.47 -84.12 -16.56
CA LYS B 266 19.93 -84.66 -17.83
C LYS B 266 20.73 -85.94 -17.63
N GLU B 267 21.55 -85.94 -16.58
CA GLU B 267 22.46 -87.05 -16.30
C GLU B 267 21.69 -88.34 -16.07
N LEU B 268 20.61 -88.26 -15.29
CA LEU B 268 19.78 -89.42 -15.02
C LEU B 268 19.18 -89.98 -16.31
N GLU B 269 18.66 -89.10 -17.14
CA GLU B 269 18.07 -89.50 -18.41
C GLU B 269 19.07 -90.33 -19.20
N LEU B 270 20.35 -89.95 -19.08
CA LEU B 270 21.42 -90.66 -19.77
C LEU B 270 21.54 -92.06 -19.18
N ALA B 271 21.45 -92.14 -17.85
CA ALA B 271 21.53 -93.43 -17.16
C ALA B 271 20.19 -94.14 -17.24
N VAL C 3 9.15 -34.85 -50.91
CA VAL C 3 10.00 -34.41 -49.77
C VAL C 3 10.62 -33.03 -50.03
N GLU C 4 11.22 -32.86 -51.19
CA GLU C 4 11.85 -31.60 -51.56
C GLU C 4 10.80 -30.55 -51.92
N ASP C 5 9.59 -31.01 -52.21
CA ASP C 5 8.48 -30.11 -52.53
C ASP C 5 7.87 -29.65 -51.21
N LYS C 6 8.15 -30.42 -50.16
CA LYS C 6 7.68 -30.14 -48.82
C LYS C 6 8.53 -29.02 -48.25
N ARG C 7 9.62 -28.71 -48.95
CA ARG C 7 10.54 -27.66 -48.54
C ARG C 7 10.11 -26.31 -49.11
N ALA C 8 9.85 -26.29 -50.43
CA ALA C 8 9.43 -25.07 -51.11
C ALA C 8 8.17 -24.51 -50.45
N GLU C 9 7.42 -25.39 -49.81
CA GLU C 9 6.19 -25.02 -49.13
C GLU C 9 6.51 -24.52 -47.72
N ILE C 10 7.59 -25.06 -47.14
CA ILE C 10 8.00 -24.68 -45.78
C ILE C 10 8.49 -23.23 -45.71
N SER C 11 9.50 -22.88 -46.51
CA SER C 11 10.02 -21.51 -46.51
C SER C 11 8.97 -20.52 -46.98
N GLU C 12 7.95 -21.02 -47.66
CA GLU C 12 6.88 -20.18 -48.16
C GLU C 12 6.07 -19.67 -46.98
N ILE C 13 6.10 -20.41 -45.88
CA ILE C 13 5.37 -20.05 -44.67
C ILE C 13 6.17 -19.03 -43.85
N GLU C 14 7.38 -19.41 -43.44
CA GLU C 14 8.22 -18.52 -42.65
C GLU C 14 8.62 -17.28 -43.43
N GLY C 15 8.54 -17.35 -44.75
CA GLY C 15 8.86 -16.21 -45.57
C GLY C 15 7.82 -15.14 -45.30
N LYS C 16 6.67 -15.60 -44.81
CA LYS C 16 5.57 -14.73 -44.48
C LYS C 16 5.75 -14.23 -43.05
N LEU C 17 6.01 -15.15 -42.13
CA LEU C 17 6.23 -14.79 -40.73
C LEU C 17 7.31 -13.72 -40.63
N SER C 18 8.42 -13.95 -41.32
CA SER C 18 9.54 -13.03 -41.32
C SER C 18 9.06 -11.61 -41.67
N THR C 19 8.05 -11.51 -42.53
CA THR C 19 7.51 -10.21 -42.92
C THR C 19 6.46 -9.75 -41.93
N ILE C 20 5.73 -10.70 -41.37
CA ILE C 20 4.67 -10.39 -40.40
C ILE C 20 5.23 -9.80 -39.12
N GLN C 21 6.18 -10.50 -38.51
CA GLN C 21 6.78 -10.04 -37.27
C GLN C 21 7.55 -8.75 -37.51
N ALA C 22 8.04 -8.59 -38.73
CA ALA C 22 8.78 -7.38 -39.08
C ALA C 22 7.79 -6.23 -39.11
N LYS C 23 6.67 -6.45 -39.80
CA LYS C 23 5.62 -5.43 -39.91
C LYS C 23 5.07 -5.12 -38.52
N ARG C 24 5.06 -6.12 -37.65
CA ARG C 24 4.56 -5.95 -36.29
C ARG C 24 5.50 -5.10 -35.46
N ILE C 25 6.80 -5.38 -35.54
CA ILE C 25 7.79 -4.62 -34.80
C ILE C 25 7.83 -3.17 -35.28
N LYS C 26 7.57 -2.97 -36.57
CA LYS C 26 7.55 -1.63 -37.13
C LYS C 26 6.40 -0.86 -36.50
N VAL C 27 5.35 -1.59 -36.15
CA VAL C 27 4.16 -1.02 -35.53
C VAL C 27 4.41 -0.71 -34.06
N GLU C 28 4.89 -1.71 -33.33
CA GLU C 28 5.16 -1.55 -31.90
C GLU C 28 5.90 -0.24 -31.64
N LYS C 29 6.86 0.08 -32.51
CA LYS C 29 7.64 1.30 -32.37
C LYS C 29 6.75 2.53 -32.49
N GLU C 30 5.74 2.45 -33.35
CA GLU C 30 4.82 3.56 -33.56
C GLU C 30 3.87 3.66 -32.37
N ILE C 31 3.52 2.51 -31.79
CA ILE C 31 2.63 2.47 -30.64
C ILE C 31 3.32 3.12 -29.43
N GLU C 32 4.64 3.03 -29.40
CA GLU C 32 5.43 3.62 -28.32
C GLU C 32 5.47 5.13 -28.51
N ALA C 33 5.71 5.56 -29.75
CA ALA C 33 5.78 6.98 -30.08
C ALA C 33 4.50 7.69 -29.67
N LYS C 34 3.36 7.10 -30.02
CA LYS C 34 2.07 7.68 -29.67
C LYS C 34 1.96 7.81 -28.16
N SER C 35 2.37 6.76 -27.44
CA SER C 35 2.33 6.75 -25.99
C SER C 35 3.11 7.93 -25.41
N ASN C 36 4.19 8.30 -26.10
CA ASN C 36 5.03 9.41 -25.68
C ASN C 36 4.26 10.72 -25.78
N GLU C 37 3.56 10.90 -26.90
CA GLU C 37 2.77 12.11 -27.13
C GLU C 37 1.71 12.28 -26.04
N LEU C 38 0.97 11.20 -25.77
CA LEU C 38 -0.06 11.24 -24.74
C LEU C 38 0.54 11.63 -23.40
N GLU C 39 1.73 11.10 -23.13
CA GLU C 39 2.43 11.40 -21.88
C GLU C 39 2.72 12.89 -21.78
N LYS C 40 3.11 13.50 -22.89
CA LYS C 40 3.42 14.92 -22.93
C LYS C 40 2.16 15.79 -22.96
N VAL C 41 1.17 15.38 -23.74
CA VAL C 41 -0.08 16.14 -23.86
C VAL C 41 -0.91 16.10 -22.58
N SER C 42 -1.18 14.90 -22.09
CA SER C 42 -1.96 14.74 -20.86
C SER C 42 -1.33 15.47 -19.69
N LYS C 43 0.00 15.47 -19.63
CA LYS C 43 0.71 16.14 -18.55
C LYS C 43 0.72 17.65 -18.77
N GLU C 44 0.62 18.07 -20.03
CA GLU C 44 0.61 19.49 -20.37
C GLU C 44 -0.82 20.03 -20.33
N LEU C 45 -1.78 19.12 -20.29
CA LEU C 45 -3.19 19.50 -20.23
C LEU C 45 -3.58 19.52 -18.75
N GLU C 46 -3.02 18.59 -17.99
CA GLU C 46 -3.28 18.51 -16.56
C GLU C 46 -2.78 19.79 -15.91
N SER C 47 -2.09 20.60 -16.70
CA SER C 47 -1.56 21.88 -16.24
C SER C 47 -2.39 22.98 -16.87
N SER C 48 -2.78 22.76 -18.12
CA SER C 48 -3.58 23.72 -18.87
C SER C 48 -4.99 23.86 -18.32
N GLU C 49 -5.81 22.84 -18.53
CA GLU C 49 -7.19 22.85 -18.06
C GLU C 49 -7.28 23.00 -16.55
N ARG C 50 -6.13 22.99 -15.88
CA ARG C 50 -6.08 23.12 -14.44
C ARG C 50 -5.87 24.58 -14.04
N GLU C 51 -5.19 25.33 -14.92
CA GLU C 51 -4.91 26.73 -14.67
C GLU C 51 -6.14 27.63 -14.77
N LEU C 52 -6.85 27.56 -15.89
CA LEU C 52 -8.02 28.40 -16.06
C LEU C 52 -9.12 28.10 -15.04
N ILE C 53 -9.24 26.84 -14.64
CA ILE C 53 -10.26 26.48 -13.65
C ILE C 53 -9.97 27.20 -12.33
N ALA C 54 -8.72 27.61 -12.15
CA ALA C 54 -8.32 28.32 -10.95
C ALA C 54 -8.44 29.82 -11.25
N ALA C 55 -8.11 30.18 -12.48
CA ALA C 55 -8.17 31.57 -12.93
C ALA C 55 -9.62 32.03 -13.01
N GLU C 56 -10.41 31.34 -13.82
CA GLU C 56 -11.82 31.66 -13.99
C GLU C 56 -12.50 31.79 -12.63
N ALA C 57 -12.13 30.91 -11.72
CA ALA C 57 -12.69 30.91 -10.38
C ALA C 57 -12.51 32.28 -9.73
N GLN C 58 -11.34 32.87 -9.91
CA GLN C 58 -11.04 34.17 -9.34
C GLN C 58 -11.85 35.26 -10.04
N ARG C 59 -12.17 35.02 -11.31
CA ARG C 59 -12.95 35.98 -12.08
C ARG C 59 -14.35 36.08 -11.48
N GLU C 60 -14.89 34.93 -11.10
CA GLU C 60 -16.22 34.85 -10.52
C GLU C 60 -16.28 35.39 -9.08
N VAL C 61 -15.13 35.42 -8.42
CA VAL C 61 -15.04 35.92 -7.05
C VAL C 61 -15.23 37.43 -6.97
N ARG C 62 -14.69 38.13 -7.97
CA ARG C 62 -14.81 39.58 -8.02
C ARG C 62 -15.95 39.97 -8.95
N GLY C 63 -16.82 39.01 -9.23
CA GLY C 63 -17.96 39.26 -10.11
C GLY C 63 -17.54 39.63 -11.52
N ASN C 64 -16.27 39.42 -11.83
CA ASN C 64 -15.75 39.75 -13.14
C ASN C 64 -16.50 38.99 -14.23
N ARG C 65 -17.15 37.90 -13.85
CA ARG C 65 -17.94 37.10 -14.79
C ARG C 65 -19.18 37.90 -15.18
N ALA C 66 -19.96 38.25 -14.17
CA ALA C 66 -21.19 39.01 -14.35
C ALA C 66 -20.90 40.27 -15.15
N ALA C 67 -19.78 40.92 -14.82
CA ALA C 67 -19.39 42.14 -15.51
C ALA C 67 -19.52 41.97 -17.03
N GLU C 68 -18.75 41.04 -17.59
CA GLU C 68 -18.78 40.77 -19.02
C GLU C 68 -20.11 40.20 -19.49
N GLU C 69 -20.81 39.52 -18.57
CA GLU C 69 -22.10 38.93 -18.90
C GLU C 69 -23.23 39.94 -18.85
N LEU C 70 -23.00 41.06 -18.17
CA LEU C 70 -24.03 42.10 -18.07
C LEU C 70 -24.03 42.91 -19.35
N LYS C 71 -22.86 43.06 -19.95
CA LYS C 71 -22.73 43.80 -21.19
C LYS C 71 -23.50 43.05 -22.27
N ARG C 72 -23.38 41.73 -22.26
CA ARG C 72 -24.04 40.87 -23.23
C ARG C 72 -25.41 40.43 -22.70
N SER C 73 -26.23 41.38 -22.27
CA SER C 73 -27.55 41.08 -21.74
C SER C 73 -28.61 41.94 -22.43
N GLY C 74 -28.20 43.13 -22.85
CA GLY C 74 -29.12 44.03 -23.51
C GLY C 74 -29.83 44.93 -22.51
N ILE C 75 -29.08 45.40 -21.52
CA ILE C 75 -29.64 46.28 -20.50
C ILE C 75 -28.92 47.63 -20.52
N GLY C 76 -29.62 48.68 -20.93
CA GLY C 76 -29.02 49.99 -21.00
C GLY C 76 -28.81 50.63 -19.64
N GLY C 77 -27.77 51.44 -19.53
CA GLY C 77 -27.48 52.10 -18.26
C GLY C 77 -26.15 51.64 -17.69
N ILE C 78 -25.78 50.41 -18.04
CA ILE C 78 -24.53 49.81 -17.58
C ILE C 78 -23.35 50.50 -18.27
N TYR C 79 -22.35 50.88 -17.50
CA TYR C 79 -21.19 51.57 -18.06
C TYR C 79 -19.85 50.92 -17.77
N GLY C 80 -19.85 49.82 -17.02
CA GLY C 80 -18.59 49.15 -16.71
C GLY C 80 -18.06 49.39 -15.32
N THR C 81 -16.95 48.73 -15.00
CA THR C 81 -16.33 48.85 -13.68
C THR C 81 -15.45 50.09 -13.59
N LEU C 82 -15.30 50.61 -12.37
CA LEU C 82 -14.48 51.79 -12.15
C LEU C 82 -13.08 51.54 -12.68
N ALA C 83 -12.62 50.31 -12.54
CA ALA C 83 -11.29 49.91 -13.01
C ALA C 83 -11.16 50.20 -14.49
N GLU C 84 -12.22 49.90 -15.24
CA GLU C 84 -12.24 50.12 -16.69
C GLU C 84 -12.40 51.60 -17.03
N LEU C 85 -13.07 52.33 -16.14
CA LEU C 85 -13.32 53.75 -16.37
C LEU C 85 -12.24 54.68 -15.82
N ILE C 86 -11.18 54.11 -15.24
CA ILE C 86 -10.12 54.92 -14.67
C ILE C 86 -8.72 54.52 -15.14
N LYS C 87 -7.90 55.51 -15.43
CA LYS C 87 -6.53 55.27 -15.86
C LYS C 87 -5.58 56.11 -15.01
N VAL C 88 -4.47 55.52 -14.59
CA VAL C 88 -3.50 56.21 -13.76
C VAL C 88 -2.48 57.00 -14.56
N LYS C 89 -2.30 58.26 -14.19
CA LYS C 89 -1.36 59.14 -14.87
C LYS C 89 -0.06 59.21 -14.08
N ASP C 90 1.05 58.98 -14.78
CA ASP C 90 2.40 58.92 -14.21
C ASP C 90 2.71 57.49 -13.79
N GLU C 91 3.99 57.21 -13.59
CA GLU C 91 4.45 55.86 -13.26
C GLU C 91 4.57 55.60 -11.76
N ALA C 92 4.29 56.59 -10.94
CA ALA C 92 4.55 56.46 -9.50
C ALA C 92 3.37 56.00 -8.62
N TYR C 93 2.19 56.55 -8.89
CA TYR C 93 1.02 56.34 -8.06
C TYR C 93 0.13 55.21 -8.58
N ALA C 94 0.73 54.35 -9.40
CA ALA C 94 -0.01 53.22 -9.97
C ALA C 94 -0.45 52.25 -8.88
N LEU C 95 0.46 51.94 -7.97
CA LEU C 95 0.17 51.01 -6.87
C LEU C 95 -0.80 51.60 -5.84
N ALA C 96 -0.59 52.87 -5.50
CA ALA C 96 -1.43 53.55 -4.54
C ALA C 96 -2.91 53.44 -4.91
N ILE C 97 -3.23 53.88 -6.13
CA ILE C 97 -4.61 53.85 -6.62
C ILE C 97 -5.22 52.45 -6.61
N GLU C 98 -4.46 51.45 -7.07
CA GLU C 98 -4.96 50.08 -7.09
C GLU C 98 -5.49 49.73 -5.72
N VAL C 99 -4.73 50.10 -4.69
CA VAL C 99 -5.10 49.83 -3.31
C VAL C 99 -6.22 50.77 -2.84
N ALA C 100 -6.11 52.05 -3.23
CA ALA C 100 -7.08 53.06 -2.87
C ALA C 100 -8.49 52.63 -3.29
N LEU C 101 -8.55 51.62 -4.14
CA LEU C 101 -9.82 51.10 -4.64
C LEU C 101 -10.05 49.68 -4.13
N GLY C 102 -9.20 48.76 -4.58
CA GLY C 102 -9.35 47.38 -4.18
C GLY C 102 -10.66 46.83 -4.71
N ASN C 103 -11.47 46.28 -3.81
CA ASN C 103 -12.75 45.71 -4.18
C ASN C 103 -13.64 46.73 -4.89
N ARG C 104 -13.42 48.01 -4.60
CA ARG C 104 -14.21 49.08 -5.21
C ARG C 104 -13.93 49.22 -6.70
N ALA C 105 -12.90 48.51 -7.19
CA ALA C 105 -12.55 48.56 -8.60
C ALA C 105 -13.48 47.66 -9.39
N ASP C 106 -14.08 46.69 -8.69
CA ASP C 106 -15.00 45.76 -9.32
C ASP C 106 -16.42 46.32 -9.32
N ASN C 107 -16.57 47.56 -8.84
CA ASN C 107 -17.87 48.19 -8.83
C ASN C 107 -18.26 48.57 -10.24
N VAL C 108 -19.52 48.38 -10.59
CA VAL C 108 -20.02 48.72 -11.91
C VAL C 108 -20.89 49.97 -11.82
N VAL C 109 -20.55 50.96 -12.64
CA VAL C 109 -21.28 52.22 -12.68
C VAL C 109 -22.47 52.14 -13.62
N VAL C 110 -23.59 52.71 -13.20
CA VAL C 110 -24.80 52.70 -14.01
C VAL C 110 -25.57 54.02 -13.86
N GLU C 111 -26.45 54.30 -14.81
CA GLU C 111 -27.24 55.53 -14.80
C GLU C 111 -27.99 55.78 -13.49
N ASP C 112 -29.03 54.98 -13.23
CA ASP C 112 -29.83 55.13 -12.02
C ASP C 112 -30.18 53.79 -11.37
N GLU C 113 -30.90 53.86 -10.25
CA GLU C 113 -31.29 52.66 -9.51
C GLU C 113 -32.01 51.62 -10.36
N LEU C 114 -32.79 52.08 -11.34
CA LEU C 114 -33.52 51.17 -12.22
C LEU C 114 -32.54 50.23 -12.91
N VAL C 115 -31.47 50.78 -13.46
CA VAL C 115 -30.47 49.98 -14.15
C VAL C 115 -29.97 48.90 -13.20
N ALA C 116 -29.63 49.30 -11.99
CA ALA C 116 -29.14 48.38 -10.97
C ALA C 116 -30.13 47.23 -10.78
N GLU C 117 -31.37 47.58 -10.43
CA GLU C 117 -32.42 46.59 -10.23
C GLU C 117 -32.50 45.57 -11.36
N LYS C 118 -32.55 46.07 -12.59
CA LYS C 118 -32.63 45.22 -13.78
C LYS C 118 -31.42 44.33 -13.96
N ALA C 119 -30.31 44.69 -13.33
CA ALA C 119 -29.08 43.90 -13.44
C ALA C 119 -29.06 42.88 -12.31
N ILE C 120 -29.34 43.35 -11.10
CA ILE C 120 -29.37 42.48 -9.93
C ILE C 120 -30.26 41.28 -10.23
N LYS C 121 -31.46 41.54 -10.72
CA LYS C 121 -32.40 40.47 -11.05
C LYS C 121 -31.79 39.56 -12.12
N TYR C 122 -31.21 40.16 -13.16
CA TYR C 122 -30.58 39.41 -14.23
C TYR C 122 -29.45 38.55 -13.67
N LEU C 123 -28.85 39.01 -12.57
CA LEU C 123 -27.75 38.27 -11.94
C LEU C 123 -28.30 37.14 -11.08
N LYS C 124 -29.51 37.31 -10.57
CA LYS C 124 -30.15 36.29 -9.75
C LYS C 124 -30.67 35.18 -10.66
N GLU C 125 -31.33 35.60 -11.74
CA GLU C 125 -31.90 34.68 -12.72
C GLU C 125 -30.88 33.74 -13.35
N HIS C 126 -29.60 34.09 -13.25
CA HIS C 126 -28.56 33.26 -13.84
C HIS C 126 -27.46 32.87 -12.87
N LYS C 127 -27.52 33.38 -11.64
CA LYS C 127 -26.49 33.07 -10.64
C LYS C 127 -25.12 33.48 -11.16
N LEU C 128 -25.05 34.60 -11.88
CA LEU C 128 -23.80 35.09 -12.43
C LEU C 128 -22.91 35.64 -11.32
N GLY C 129 -23.47 35.73 -10.12
CA GLY C 129 -22.70 36.24 -9.00
C GLY C 129 -23.42 37.34 -8.26
N ARG C 130 -22.63 38.24 -7.67
CA ARG C 130 -23.16 39.36 -6.90
C ARG C 130 -22.25 40.57 -7.08
N LEU C 131 -22.82 41.66 -7.60
CA LEU C 131 -22.07 42.88 -7.84
C LEU C 131 -22.60 44.07 -7.07
N THR C 132 -21.72 45.03 -6.81
CA THR C 132 -22.09 46.26 -6.13
C THR C 132 -22.18 47.30 -7.22
N PHE C 133 -23.36 47.85 -7.43
CA PHE C 133 -23.56 48.84 -8.47
C PHE C 133 -23.44 50.26 -7.94
N LEU C 134 -23.24 51.20 -8.87
CA LEU C 134 -23.09 52.60 -8.55
C LEU C 134 -23.98 53.51 -9.41
N PRO C 135 -25.18 53.87 -8.91
CA PRO C 135 -26.17 54.72 -9.58
C PRO C 135 -25.66 56.15 -9.71
N LEU C 136 -25.28 56.54 -10.93
CA LEU C 136 -24.77 57.88 -11.19
C LEU C 136 -25.68 59.01 -10.74
N ASN C 137 -26.90 58.66 -10.33
CA ASN C 137 -27.86 59.66 -9.87
C ASN C 137 -27.99 59.62 -8.36
N LYS C 138 -27.66 58.48 -7.77
CA LYS C 138 -27.78 58.31 -6.33
C LYS C 138 -26.46 58.39 -5.55
N ILE C 139 -25.33 58.21 -6.23
CA ILE C 139 -24.04 58.27 -5.55
C ILE C 139 -23.71 59.63 -4.96
N LYS C 140 -23.12 59.63 -3.77
CA LYS C 140 -22.75 60.84 -3.08
C LYS C 140 -21.23 61.03 -3.12
N PRO C 141 -20.75 62.07 -3.80
CA PRO C 141 -19.33 62.37 -3.92
C PRO C 141 -18.62 62.57 -2.58
N LYS C 142 -17.31 62.39 -2.58
CA LYS C 142 -16.50 62.57 -1.37
C LYS C 142 -15.37 63.55 -1.70
N HIS C 143 -15.01 64.39 -0.73
CA HIS C 143 -13.95 65.36 -0.96
C HIS C 143 -12.97 65.38 0.20
N VAL C 144 -12.03 66.31 0.17
CA VAL C 144 -11.03 66.43 1.23
C VAL C 144 -11.07 67.84 1.83
N ASP C 145 -11.28 67.90 3.14
CA ASP C 145 -11.33 69.18 3.84
C ASP C 145 -9.95 69.56 4.39
N SER C 146 -8.90 69.09 3.72
CA SER C 146 -7.54 69.37 4.13
C SER C 146 -6.61 69.50 2.93
N SER C 147 -5.32 69.71 3.21
CA SER C 147 -4.31 69.85 2.16
C SER C 147 -3.15 68.92 2.47
N VAL C 148 -3.45 67.83 3.16
CA VAL C 148 -2.44 66.84 3.54
C VAL C 148 -2.21 65.84 2.40
N GLY C 149 -1.03 65.23 2.39
CA GLY C 149 -0.69 64.25 1.38
C GLY C 149 -0.93 64.70 -0.06
N LEU C 150 -1.38 63.77 -0.89
CA LEU C 150 -1.66 64.06 -2.29
C LEU C 150 -3.03 63.54 -2.72
N PRO C 151 -3.94 64.44 -3.12
CA PRO C 151 -5.28 64.04 -3.54
C PRO C 151 -5.24 62.86 -4.51
N ALA C 152 -6.16 61.92 -4.32
CA ALA C 152 -6.23 60.72 -5.15
C ALA C 152 -6.76 60.97 -6.56
N VAL C 153 -7.65 61.94 -6.71
CA VAL C 153 -8.23 62.26 -8.01
C VAL C 153 -7.39 63.20 -8.85
N ASP C 154 -6.18 63.50 -8.38
CA ASP C 154 -5.29 64.39 -9.12
C ASP C 154 -4.18 63.63 -9.84
N VAL C 155 -4.31 62.30 -9.87
CA VAL C 155 -3.33 61.46 -10.53
C VAL C 155 -4.08 60.42 -11.35
N ILE C 156 -5.31 60.74 -11.72
CA ILE C 156 -6.13 59.84 -12.50
C ILE C 156 -6.77 60.51 -13.71
N GLU C 157 -7.53 59.73 -14.46
CA GLU C 157 -8.22 60.22 -15.65
C GLU C 157 -9.55 59.48 -15.78
N TYR C 158 -10.55 60.15 -16.36
CA TYR C 158 -11.87 59.57 -16.55
C TYR C 158 -12.80 60.59 -17.21
N ASP C 159 -13.88 60.12 -17.82
CA ASP C 159 -14.82 61.03 -18.47
C ASP C 159 -15.62 61.82 -17.44
N GLN C 160 -15.60 63.14 -17.58
CA GLN C 160 -16.30 64.03 -16.67
C GLN C 160 -17.75 63.62 -16.39
N LYS C 161 -18.33 62.87 -17.33
CA LYS C 161 -19.72 62.42 -17.22
C LYS C 161 -19.99 61.38 -16.12
N ILE C 162 -18.94 60.94 -15.44
CA ILE C 162 -19.09 59.96 -14.37
C ILE C 162 -18.27 60.38 -13.15
N GLU C 163 -17.86 61.64 -13.16
CA GLU C 163 -17.05 62.22 -12.11
C GLU C 163 -17.49 61.78 -10.71
N ASN C 164 -18.78 61.88 -10.42
CA ASN C 164 -19.33 61.51 -9.12
C ASN C 164 -18.94 60.12 -8.61
N ALA C 165 -19.15 59.11 -9.44
CA ALA C 165 -18.83 57.74 -9.07
C ALA C 165 -17.37 57.55 -8.69
N VAL C 166 -16.50 58.40 -9.22
CA VAL C 166 -15.07 58.32 -8.93
C VAL C 166 -14.72 59.08 -7.65
N LYS C 167 -15.36 60.24 -7.46
CA LYS C 167 -15.14 61.03 -6.26
C LYS C 167 -15.66 60.25 -5.07
N PHE C 168 -16.51 59.28 -5.35
CA PHE C 168 -17.10 58.43 -4.32
C PHE C 168 -16.13 57.38 -3.79
N ALA C 169 -15.37 56.77 -4.69
CA ALA C 169 -14.33 55.81 -4.32
C ALA C 169 -13.14 56.42 -3.58
N LEU C 170 -12.57 57.48 -4.16
CA LEU C 170 -11.32 58.06 -3.69
C LEU C 170 -11.37 59.52 -3.22
N GLY C 171 -12.57 60.07 -3.04
CA GLY C 171 -12.69 61.48 -2.72
C GLY C 171 -12.03 61.85 -1.41
N ASP C 172 -12.21 60.98 -0.42
CA ASP C 172 -11.58 61.12 0.90
C ASP C 172 -10.20 60.48 1.00
N THR C 173 -9.81 59.75 -0.05
CA THR C 173 -8.52 59.08 -0.07
C THR C 173 -7.37 60.02 -0.44
N VAL C 174 -6.27 59.91 0.29
CA VAL C 174 -5.09 60.73 0.04
C VAL C 174 -3.83 59.88 -0.08
N ILE C 175 -2.95 60.24 -1.00
CA ILE C 175 -1.72 59.51 -1.24
C ILE C 175 -0.50 60.04 -0.50
N VAL C 176 0.24 59.14 0.12
CA VAL C 176 1.43 59.50 0.86
C VAL C 176 2.58 58.55 0.51
N ASN C 177 3.77 58.88 0.98
CA ASN C 177 4.96 58.08 0.69
C ASN C 177 5.24 56.95 1.69
N SER C 178 5.37 57.29 2.96
CA SER C 178 5.64 56.29 4.00
C SER C 178 4.72 56.41 5.20
N MET C 179 4.96 55.55 6.20
CA MET C 179 4.16 55.51 7.42
C MET C 179 4.32 56.75 8.31
N GLU C 180 5.56 57.09 8.64
CA GLU C 180 5.84 58.25 9.49
C GLU C 180 5.27 59.55 8.94
N GLU C 181 4.69 59.49 7.74
CA GLU C 181 4.11 60.67 7.12
C GLU C 181 2.62 60.71 7.41
N ALA C 182 2.08 59.55 7.76
CA ALA C 182 0.65 59.42 8.04
C ALA C 182 0.28 59.50 9.51
N ARG C 183 1.21 59.14 10.40
CA ARG C 183 0.92 59.18 11.83
C ARG C 183 0.52 60.54 12.40
N PRO C 184 1.06 61.63 11.86
CA PRO C 184 0.67 62.94 12.40
C PRO C 184 -0.82 63.23 12.25
N HIS C 185 -1.49 62.40 11.44
CA HIS C 185 -2.90 62.59 11.14
C HIS C 185 -3.69 61.29 10.96
N ILE C 186 -3.14 60.17 11.39
CA ILE C 186 -3.76 58.86 11.12
C ILE C 186 -5.14 58.76 11.79
N GLY C 187 -6.10 58.16 11.09
CA GLY C 187 -7.43 58.04 11.65
C GLY C 187 -8.25 59.29 11.41
N LYS C 188 -7.56 60.41 11.20
CA LYS C 188 -8.22 61.68 10.95
C LYS C 188 -8.54 61.81 9.46
N VAL C 189 -7.78 61.08 8.64
CA VAL C 189 -7.98 61.09 7.19
C VAL C 189 -7.55 59.74 6.59
N ARG C 190 -8.24 59.31 5.54
CA ARG C 190 -7.90 58.04 4.87
C ARG C 190 -6.61 58.27 4.08
N MET C 191 -5.66 57.34 4.24
CA MET C 191 -4.38 57.48 3.56
C MET C 191 -3.87 56.19 2.93
N VAL C 192 -3.18 56.34 1.81
CA VAL C 192 -2.62 55.21 1.09
C VAL C 192 -1.16 55.51 0.71
N THR C 193 -0.25 54.77 1.33
CA THR C 193 1.18 54.93 1.07
C THR C 193 1.58 54.34 -0.27
N ILE C 194 2.51 55.01 -0.96
CA ILE C 194 2.99 54.54 -2.25
C ILE C 194 3.53 53.12 -2.11
N GLU C 195 3.98 52.79 -0.91
CA GLU C 195 4.53 51.47 -0.64
C GLU C 195 3.48 50.37 -0.83
N GLY C 196 2.31 50.54 -0.22
CA GLY C 196 1.27 49.56 -0.34
C GLY C 196 0.39 49.40 0.89
N GLU C 197 0.50 50.32 1.84
CA GLU C 197 -0.30 50.27 3.06
C GLU C 197 -1.51 51.20 2.98
N LEU C 198 -2.62 50.76 3.59
CA LEU C 198 -3.84 51.55 3.59
C LEU C 198 -4.27 51.84 5.04
N TYR C 199 -4.17 53.11 5.42
CA TYR C 199 -4.53 53.54 6.77
C TYR C 199 -5.89 54.23 6.79
N GLU C 200 -6.95 53.42 6.85
CA GLU C 200 -8.32 53.93 6.86
C GLU C 200 -8.67 54.84 8.03
N ARG C 201 -9.61 55.74 7.76
CA ARG C 201 -10.09 56.70 8.74
C ARG C 201 -10.72 55.93 9.90
N SER C 202 -11.29 54.78 9.58
CA SER C 202 -11.95 53.92 10.56
C SER C 202 -10.97 53.21 11.50
N GLY C 203 -9.68 53.37 11.24
CA GLY C 203 -8.67 52.74 12.09
C GLY C 203 -8.12 51.43 11.57
N ALA C 204 -8.84 50.80 10.64
CA ALA C 204 -8.40 49.53 10.06
C ALA C 204 -7.15 49.76 9.22
N ILE C 205 -6.41 48.70 8.95
CA ILE C 205 -5.19 48.81 8.17
C ILE C 205 -4.97 47.64 7.20
N THR C 206 -4.60 47.96 5.96
CA THR C 206 -4.35 46.95 4.94
C THR C 206 -2.90 47.06 4.47
N GLY C 207 -2.18 45.95 4.47
CA GLY C 207 -0.79 45.97 4.06
C GLY C 207 -0.33 44.81 3.20
N GLY C 208 0.61 45.09 2.30
CA GLY C 208 1.14 44.07 1.41
C GLY C 208 1.44 44.62 0.02
N HIS C 209 2.68 44.46 -0.42
CA HIS C 209 3.10 44.94 -1.72
C HIS C 209 2.34 44.22 -2.84
N PHE C 210 2.16 42.92 -2.67
CA PHE C 210 1.45 42.11 -3.67
C PHE C 210 1.97 42.39 -5.07
N VAL C 217 -3.81 35.97 -15.92
CA VAL C 217 -4.17 35.69 -17.31
C VAL C 217 -5.65 35.92 -17.54
N ASP C 218 -6.12 35.62 -18.75
CA ASP C 218 -7.52 35.79 -19.10
C ASP C 218 -8.05 34.57 -19.84
N THR C 219 -9.32 34.22 -19.60
CA THR C 219 -9.84 32.90 -19.92
C THR C 219 -9.73 32.48 -21.39
N THR C 220 -9.93 33.43 -22.31
CA THR C 220 -9.98 33.09 -23.72
C THR C 220 -8.69 32.47 -24.28
N LYS C 221 -7.54 33.01 -23.90
CA LYS C 221 -6.27 32.41 -24.31
C LYS C 221 -6.16 31.00 -23.71
N LEU C 222 -6.53 30.89 -22.43
CA LEU C 222 -6.55 29.60 -21.74
C LEU C 222 -7.58 28.65 -22.34
N ARG C 223 -8.75 29.19 -22.66
CA ARG C 223 -9.86 28.39 -23.19
C ARG C 223 -9.51 27.77 -24.53
N GLU C 224 -8.85 28.54 -25.38
CA GLU C 224 -8.48 28.09 -26.71
C GLU C 224 -7.52 26.91 -26.65
N LYS C 225 -6.59 26.95 -25.71
CA LYS C 225 -5.56 25.93 -25.62
C LYS C 225 -6.13 24.64 -25.03
N VAL C 226 -7.17 24.78 -24.20
CA VAL C 226 -7.81 23.63 -23.59
C VAL C 226 -8.75 22.97 -24.59
N GLU C 227 -9.36 23.78 -25.45
CA GLU C 227 -10.26 23.27 -26.47
C GLU C 227 -9.41 22.61 -27.54
N SER C 228 -8.11 22.92 -27.52
CA SER C 228 -7.15 22.37 -28.47
C SER C 228 -6.67 21.01 -28.00
N LEU C 229 -6.14 20.95 -26.79
CA LEU C 229 -5.65 19.71 -26.21
C LEU C 229 -6.77 18.68 -26.14
N ARG C 230 -7.96 19.13 -25.75
CA ARG C 230 -9.12 18.25 -25.64
C ARG C 230 -9.36 17.52 -26.96
N ARG C 231 -8.83 18.09 -28.03
CA ARG C 231 -8.97 17.51 -29.36
C ARG C 231 -7.75 16.63 -29.66
N ARG C 232 -6.57 17.15 -29.39
CA ARG C 232 -5.33 16.41 -29.62
C ARG C 232 -5.30 15.14 -28.79
N LYS C 233 -5.78 15.24 -27.55
CA LYS C 233 -5.82 14.09 -26.64
C LYS C 233 -6.82 13.06 -27.14
N GLU C 234 -7.99 13.53 -27.54
CA GLU C 234 -9.04 12.65 -28.05
C GLU C 234 -8.63 12.06 -29.40
N ALA C 235 -7.70 12.75 -30.08
CA ALA C 235 -7.21 12.29 -31.37
C ALA C 235 -6.27 11.11 -31.18
N LEU C 236 -5.16 11.35 -30.49
CA LEU C 236 -4.18 10.32 -30.23
C LEU C 236 -4.80 9.17 -29.43
N GLU C 237 -5.60 9.51 -28.43
CA GLU C 237 -6.25 8.50 -27.60
C GLU C 237 -7.06 7.56 -28.48
N GLY C 238 -7.33 7.99 -29.71
CA GLY C 238 -8.10 7.18 -30.63
C GLY C 238 -7.19 6.41 -31.57
N GLU C 239 -6.14 7.07 -32.05
CA GLU C 239 -5.19 6.45 -32.97
C GLU C 239 -4.56 5.22 -32.29
N LEU C 240 -4.10 5.41 -31.06
CA LEU C 240 -3.49 4.33 -30.31
C LEU C 240 -4.51 3.21 -30.09
N ASN C 241 -5.78 3.56 -30.20
CA ASN C 241 -6.85 2.59 -30.01
C ASN C 241 -7.02 1.73 -31.26
N SER C 242 -6.55 2.24 -32.39
CA SER C 242 -6.64 1.51 -33.66
C SER C 242 -5.37 0.71 -33.90
N LEU C 243 -4.22 1.32 -33.61
CA LEU C 243 -2.93 0.66 -33.77
C LEU C 243 -2.89 -0.56 -32.86
N LYS C 244 -3.42 -0.41 -31.65
CA LYS C 244 -3.45 -1.49 -30.69
C LYS C 244 -4.24 -2.66 -31.25
N ILE C 245 -5.22 -2.35 -32.11
CA ILE C 245 -6.05 -3.37 -32.73
C ILE C 245 -5.25 -4.13 -33.81
N GLU C 246 -4.46 -3.40 -34.58
CA GLU C 246 -3.65 -4.02 -35.62
C GLU C 246 -2.78 -5.13 -35.04
N LEU C 247 -2.08 -4.81 -33.95
CA LEU C 247 -1.23 -5.80 -33.30
C LEU C 247 -2.06 -7.01 -32.89
N ARG C 248 -3.28 -6.75 -32.44
CA ARG C 248 -4.19 -7.80 -32.01
C ARG C 248 -4.54 -8.73 -33.16
N SER C 249 -4.37 -8.24 -34.39
CA SER C 249 -4.67 -9.04 -35.58
C SER C 249 -3.40 -9.71 -36.09
N LEU C 250 -2.29 -8.98 -36.04
CA LEU C 250 -1.01 -9.52 -36.49
C LEU C 250 -0.59 -10.66 -35.57
N GLU C 251 -1.07 -10.60 -34.32
CA GLU C 251 -0.75 -11.63 -33.34
C GLU C 251 -1.38 -12.95 -33.79
N ASN C 252 -2.58 -12.86 -34.35
CA ASN C 252 -3.29 -14.05 -34.82
C ASN C 252 -2.63 -14.58 -36.10
N ALA C 253 -2.19 -13.65 -36.96
CA ALA C 253 -1.55 -14.03 -38.20
C ALA C 253 -0.38 -14.98 -37.94
N SER C 254 0.50 -14.58 -37.02
CA SER C 254 1.67 -15.39 -36.68
C SER C 254 1.23 -16.64 -35.92
N PHE C 255 0.14 -16.53 -35.17
CA PHE C 255 -0.38 -17.65 -34.40
C PHE C 255 -0.87 -18.72 -35.36
N GLU C 256 -1.58 -18.29 -36.38
CA GLU C 256 -2.10 -19.21 -37.39
C GLU C 256 -0.95 -19.90 -38.10
N LEU C 257 -0.02 -19.08 -38.61
CA LEU C 257 1.15 -19.61 -39.32
C LEU C 257 1.98 -20.54 -38.45
N ARG C 258 2.28 -20.10 -37.23
CA ARG C 258 3.07 -20.90 -36.30
C ARG C 258 2.47 -22.29 -36.11
N ILE C 259 1.16 -22.40 -36.38
CA ILE C 259 0.46 -23.68 -36.24
C ILE C 259 0.57 -24.51 -37.52
N LYS C 260 0.39 -23.86 -38.66
CA LYS C 260 0.48 -24.54 -39.95
C LYS C 260 1.90 -25.03 -40.16
N LEU C 261 2.85 -24.23 -39.71
CA LEU C 261 4.27 -24.55 -39.84
C LEU C 261 4.73 -25.61 -38.84
N SER C 262 3.79 -26.13 -38.05
CA SER C 262 4.11 -27.15 -37.05
C SER C 262 3.79 -28.53 -37.60
N ASP C 263 2.83 -28.58 -38.52
CA ASP C 263 2.39 -29.84 -39.12
C ASP C 263 3.29 -30.18 -40.31
N GLU C 264 3.55 -29.18 -41.14
CA GLU C 264 4.40 -29.38 -42.32
C GLU C 264 5.84 -29.61 -41.91
N LYS C 265 6.17 -29.25 -40.67
CA LYS C 265 7.51 -29.44 -40.14
C LYS C 265 7.63 -30.86 -39.59
N LYS C 266 6.48 -31.51 -39.44
CA LYS C 266 6.42 -32.88 -38.93
C LYS C 266 6.39 -33.86 -40.11
N GLU C 267 5.57 -33.56 -41.10
CA GLU C 267 5.46 -34.42 -42.28
C GLU C 267 6.77 -34.39 -43.06
N LEU C 268 7.57 -33.36 -42.83
CA LEU C 268 8.86 -33.20 -43.49
C LEU C 268 9.90 -34.03 -42.74
N GLU C 269 9.57 -34.41 -41.51
CA GLU C 269 10.47 -35.23 -40.68
C GLU C 269 10.10 -36.71 -40.79
N LEU C 270 9.05 -36.99 -41.55
CA LEU C 270 8.58 -38.36 -41.75
C LEU C 270 9.02 -38.81 -43.15
N ALA C 271 9.08 -37.84 -44.06
CA ALA C 271 9.48 -38.10 -45.45
C ALA C 271 10.98 -38.28 -45.57
N SER C 272 11.70 -38.09 -44.47
CA SER C 272 13.15 -38.23 -44.45
C SER C 272 13.55 -39.44 -43.61
N LYS C 273 12.55 -40.14 -43.09
CA LYS C 273 12.78 -41.33 -42.27
C LYS C 273 12.07 -42.55 -42.84
N VAL D 2 5.23 -46.28 -25.92
CA VAL D 2 5.23 -45.43 -27.15
C VAL D 2 3.84 -45.45 -27.80
N VAL D 3 3.08 -46.51 -27.54
CA VAL D 3 1.75 -46.65 -28.11
C VAL D 3 0.72 -45.90 -27.25
N GLU D 4 0.67 -46.24 -25.96
CA GLU D 4 -0.25 -45.61 -25.02
C GLU D 4 0.45 -44.41 -24.37
N ASP D 5 1.77 -44.36 -24.52
CA ASP D 5 2.58 -43.29 -23.95
C ASP D 5 2.64 -42.10 -24.91
N LYS D 6 2.08 -42.27 -26.09
CA LYS D 6 2.07 -41.20 -27.08
C LYS D 6 0.97 -40.20 -26.73
N ARG D 7 0.02 -40.65 -25.92
CA ARG D 7 -1.10 -39.81 -25.48
C ARG D 7 -0.91 -39.43 -24.02
N ALA D 8 -0.12 -40.22 -23.30
CA ALA D 8 0.15 -39.98 -21.88
C ALA D 8 0.68 -38.56 -21.64
N GLU D 9 1.66 -38.15 -22.44
CA GLU D 9 2.23 -36.81 -22.32
C GLU D 9 1.33 -35.82 -23.04
N ILE D 10 0.59 -36.31 -24.03
CA ILE D 10 -0.32 -35.47 -24.80
C ILE D 10 -1.50 -35.02 -23.94
N SER D 11 -1.62 -35.61 -22.75
CA SER D 11 -2.69 -35.28 -21.83
C SER D 11 -2.15 -34.37 -20.73
N GLU D 12 -0.88 -34.57 -20.37
CA GLU D 12 -0.23 -33.76 -19.35
C GLU D 12 0.03 -32.36 -19.89
N ILE D 13 0.23 -32.29 -21.21
CA ILE D 13 0.49 -31.03 -21.89
C ILE D 13 -0.82 -30.24 -21.94
N GLU D 14 -1.91 -30.95 -22.23
CA GLU D 14 -3.23 -30.33 -22.30
C GLU D 14 -3.72 -30.01 -20.88
N GLY D 15 -3.40 -30.88 -19.94
CA GLY D 15 -3.82 -30.66 -18.56
C GLY D 15 -3.30 -29.35 -18.02
N LYS D 16 -2.08 -29.00 -18.43
CA LYS D 16 -1.45 -27.76 -18.00
C LYS D 16 -1.94 -26.61 -18.88
N LEU D 17 -2.22 -26.94 -20.14
CA LEU D 17 -2.71 -25.95 -21.11
C LEU D 17 -4.10 -25.49 -20.67
N SER D 18 -4.77 -26.36 -19.93
CA SER D 18 -6.11 -26.06 -19.42
C SER D 18 -5.96 -25.15 -18.22
N THR D 19 -5.09 -25.55 -17.30
CA THR D 19 -4.81 -24.79 -16.08
C THR D 19 -4.42 -23.36 -16.44
N ILE D 20 -3.68 -23.22 -17.53
CA ILE D 20 -3.25 -21.91 -18.00
C ILE D 20 -4.46 -21.02 -18.26
N GLN D 21 -5.20 -21.33 -19.32
CA GLN D 21 -6.38 -20.54 -19.66
C GLN D 21 -7.37 -20.49 -18.50
N ALA D 22 -7.18 -21.36 -17.52
CA ALA D 22 -8.05 -21.40 -16.35
C ALA D 22 -7.75 -20.21 -15.45
N LYS D 23 -6.46 -20.00 -15.19
CA LYS D 23 -6.03 -18.89 -14.34
C LYS D 23 -6.26 -17.56 -15.07
N ARG D 24 -6.37 -17.63 -16.40
CA ARG D 24 -6.60 -16.44 -17.21
C ARG D 24 -7.97 -15.86 -16.90
N ILE D 25 -8.98 -16.72 -16.89
CA ILE D 25 -10.34 -16.31 -16.62
C ILE D 25 -10.40 -15.49 -15.33
N LYS D 26 -9.76 -15.99 -14.28
CA LYS D 26 -9.74 -15.31 -12.98
C LYS D 26 -9.01 -13.98 -13.11
N VAL D 27 -7.89 -13.97 -13.81
CA VAL D 27 -7.10 -12.76 -13.99
C VAL D 27 -7.86 -11.71 -14.80
N GLU D 28 -8.60 -12.15 -15.83
CA GLU D 28 -9.37 -11.21 -16.64
C GLU D 28 -10.50 -10.67 -15.78
N LYS D 29 -11.02 -11.52 -14.91
CA LYS D 29 -12.10 -11.14 -14.01
C LYS D 29 -11.58 -10.05 -13.07
N GLU D 30 -10.44 -10.32 -12.44
CA GLU D 30 -9.82 -9.36 -11.53
C GLU D 30 -9.46 -8.11 -12.30
N ILE D 31 -8.88 -8.28 -13.49
CA ILE D 31 -8.47 -7.17 -14.34
C ILE D 31 -9.64 -6.25 -14.65
N GLU D 32 -10.75 -6.82 -15.08
CA GLU D 32 -11.94 -6.05 -15.39
C GLU D 32 -12.56 -5.49 -14.12
N ALA D 33 -12.40 -6.21 -13.02
CA ALA D 33 -12.94 -5.80 -11.74
C ALA D 33 -12.26 -4.53 -11.23
N LYS D 34 -10.95 -4.63 -11.02
CA LYS D 34 -10.17 -3.50 -10.53
C LYS D 34 -10.11 -2.38 -11.56
N SER D 35 -10.51 -2.67 -12.79
CA SER D 35 -10.50 -1.67 -13.85
C SER D 35 -11.81 -0.88 -13.82
N ASN D 36 -12.84 -1.46 -13.25
CA ASN D 36 -14.13 -0.79 -13.13
C ASN D 36 -14.09 0.09 -11.90
N GLU D 37 -13.30 -0.35 -10.91
CA GLU D 37 -13.15 0.39 -9.66
C GLU D 37 -12.32 1.64 -9.94
N LEU D 38 -11.29 1.49 -10.76
CA LEU D 38 -10.41 2.60 -11.11
C LEU D 38 -11.11 3.58 -12.05
N GLU D 39 -12.03 3.07 -12.86
CA GLU D 39 -12.76 3.90 -13.80
C GLU D 39 -13.79 4.77 -13.07
N LYS D 40 -14.29 4.27 -11.95
CA LYS D 40 -15.28 4.99 -11.15
C LYS D 40 -14.61 6.06 -10.30
N VAL D 41 -13.54 5.67 -9.60
CA VAL D 41 -12.81 6.60 -8.74
C VAL D 41 -12.33 7.81 -9.50
N SER D 42 -11.66 7.57 -10.63
CA SER D 42 -11.15 8.66 -11.45
C SER D 42 -12.24 9.66 -11.83
N LYS D 43 -13.46 9.15 -12.03
CA LYS D 43 -14.60 9.99 -12.40
C LYS D 43 -15.04 10.86 -11.21
N GLU D 44 -14.90 10.31 -10.01
CA GLU D 44 -15.27 11.02 -8.80
C GLU D 44 -14.17 12.00 -8.41
N LEU D 45 -12.97 11.77 -8.92
CA LEU D 45 -11.83 12.63 -8.63
C LEU D 45 -11.87 13.95 -9.39
N GLU D 46 -12.40 13.91 -10.62
CA GLU D 46 -12.50 15.11 -11.43
C GLU D 46 -13.26 16.22 -10.70
N SER D 47 -14.54 15.99 -10.43
CA SER D 47 -15.37 16.98 -9.73
C SER D 47 -14.71 17.46 -8.45
N SER D 48 -14.18 16.52 -7.67
CA SER D 48 -13.50 16.84 -6.42
C SER D 48 -12.35 17.80 -6.71
N GLU D 49 -11.51 17.43 -7.67
CA GLU D 49 -10.37 18.24 -8.06
C GLU D 49 -10.83 19.61 -8.56
N ARG D 50 -12.05 19.68 -9.08
CA ARG D 50 -12.60 20.93 -9.60
C ARG D 50 -13.00 21.82 -8.43
N GLU D 51 -14.01 21.39 -7.69
CA GLU D 51 -14.52 22.13 -6.54
C GLU D 51 -13.40 22.48 -5.56
N LEU D 52 -12.32 21.71 -5.58
CA LEU D 52 -11.20 21.99 -4.68
C LEU D 52 -10.38 23.17 -5.17
N ILE D 53 -9.82 23.05 -6.37
CA ILE D 53 -9.01 24.13 -6.94
C ILE D 53 -9.79 25.43 -6.92
N ALA D 54 -11.00 25.39 -7.48
CA ALA D 54 -11.87 26.57 -7.53
C ALA D 54 -12.03 27.22 -6.16
N ALA D 55 -12.43 26.43 -5.17
CA ALA D 55 -12.64 26.94 -3.82
C ALA D 55 -11.35 27.52 -3.24
N GLU D 56 -10.26 26.78 -3.31
CA GLU D 56 -8.99 27.25 -2.78
C GLU D 56 -8.49 28.44 -3.56
N ALA D 57 -8.80 28.47 -4.85
CA ALA D 57 -8.39 29.58 -5.71
C ALA D 57 -9.05 30.86 -5.19
N GLN D 58 -10.27 30.73 -4.69
CA GLN D 58 -11.01 31.87 -4.16
C GLN D 58 -10.36 32.39 -2.89
N ARG D 59 -9.92 31.47 -2.03
CA ARG D 59 -9.27 31.84 -0.79
C ARG D 59 -7.96 32.58 -1.07
N GLU D 60 -7.37 32.32 -2.22
CA GLU D 60 -6.13 32.99 -2.61
C GLU D 60 -6.46 34.46 -2.82
N VAL D 61 -7.57 34.71 -3.50
CA VAL D 61 -8.03 36.07 -3.79
C VAL D 61 -8.43 36.78 -2.50
N ARG D 62 -9.49 36.29 -1.87
CA ARG D 62 -9.99 36.86 -0.63
C ARG D 62 -8.89 37.06 0.41
N GLY D 63 -7.76 36.38 0.21
CA GLY D 63 -6.65 36.51 1.15
C GLY D 63 -6.77 35.55 2.30
N ASN D 64 -7.53 34.47 2.11
CA ASN D 64 -7.74 33.46 3.13
C ASN D 64 -6.54 32.52 3.22
N ARG D 65 -6.05 32.06 2.07
CA ARG D 65 -4.90 31.16 2.04
C ARG D 65 -3.73 31.78 2.80
N ALA D 66 -3.58 33.09 2.66
CA ALA D 66 -2.53 33.83 3.34
C ALA D 66 -2.97 34.09 4.78
N ALA D 67 -4.28 34.16 4.98
CA ALA D 67 -4.85 34.40 6.29
C ALA D 67 -4.54 33.19 7.18
N GLU D 68 -4.37 32.04 6.54
CA GLU D 68 -4.06 30.80 7.26
C GLU D 68 -2.58 30.73 7.61
N GLU D 69 -1.74 31.28 6.73
CA GLU D 69 -0.30 31.30 6.95
C GLU D 69 0.01 32.20 8.14
N LEU D 70 -0.75 33.28 8.27
CA LEU D 70 -0.57 34.21 9.38
C LEU D 70 -0.90 33.51 10.69
N LYS D 71 -1.67 32.44 10.60
CA LYS D 71 -2.05 31.66 11.77
C LYS D 71 -0.93 30.69 12.11
N ARG D 72 0.28 31.23 12.20
CA ARG D 72 1.49 30.49 12.53
C ARG D 72 2.47 31.43 13.21
N SER D 73 1.96 32.55 13.72
CA SER D 73 2.76 33.55 14.40
C SER D 73 2.08 34.03 15.67
N GLY D 74 2.58 33.94 16.68
CA GLY D 74 1.86 34.22 17.91
C GLY D 74 1.97 35.66 18.38
N ILE D 75 2.58 35.84 19.55
CA ILE D 75 2.69 37.14 20.20
C ILE D 75 1.31 37.77 20.43
N GLY D 76 0.33 36.89 20.67
CA GLY D 76 -1.03 37.28 21.01
C GLY D 76 -1.64 38.32 20.09
N GLY D 77 -1.30 38.27 18.81
CA GLY D 77 -1.70 39.33 17.88
C GLY D 77 -2.65 38.99 16.76
N ILE D 78 -3.00 37.73 16.61
CA ILE D 78 -3.89 37.30 15.54
C ILE D 78 -4.94 36.36 16.08
N TYR D 79 -6.12 36.34 15.47
CA TYR D 79 -7.17 35.46 15.99
C TYR D 79 -8.05 34.90 14.87
N GLY D 80 -7.85 35.39 13.65
CA GLY D 80 -8.63 34.90 12.52
C GLY D 80 -9.43 35.99 11.84
N THR D 81 -10.26 35.58 10.87
CA THR D 81 -11.09 36.53 10.13
C THR D 81 -12.46 36.69 10.79
N LEU D 82 -13.20 37.70 10.38
CA LEU D 82 -14.53 37.93 10.94
C LEU D 82 -15.45 36.78 10.60
N ALA D 83 -15.30 36.26 9.38
CA ALA D 83 -16.13 35.15 8.92
C ALA D 83 -15.87 33.87 9.69
N GLU D 84 -14.69 33.78 10.31
CA GLU D 84 -14.31 32.61 11.09
C GLU D 84 -14.56 32.79 12.59
N LEU D 85 -15.08 33.95 12.96
CA LEU D 85 -15.36 34.24 14.37
C LEU D 85 -16.80 34.73 14.56
N ILE D 86 -17.67 34.37 13.62
CA ILE D 86 -19.07 34.77 13.69
C ILE D 86 -19.95 33.66 13.15
N LYS D 87 -20.95 33.27 13.93
CA LYS D 87 -21.88 32.22 13.52
C LYS D 87 -23.30 32.81 13.55
N VAL D 88 -24.09 32.48 12.54
CA VAL D 88 -25.46 32.98 12.45
C VAL D 88 -26.46 32.07 13.17
N LYS D 89 -27.16 32.66 14.15
CA LYS D 89 -28.15 31.92 14.93
C LYS D 89 -29.14 31.19 14.02
N ASP D 90 -30.03 31.94 13.39
CA ASP D 90 -31.02 31.36 12.49
C ASP D 90 -30.41 31.19 11.10
N GLU D 91 -30.57 30.00 10.53
CA GLU D 91 -30.02 29.70 9.21
C GLU D 91 -30.64 30.53 8.08
N ALA D 92 -31.69 31.28 8.40
CA ALA D 92 -32.37 32.09 7.41
C ALA D 92 -31.77 33.49 7.27
N TYR D 93 -30.67 33.73 7.97
CA TYR D 93 -30.01 35.04 7.94
C TYR D 93 -28.54 34.93 7.52
N ALA D 94 -28.11 33.74 7.14
CA ALA D 94 -26.73 33.52 6.73
C ALA D 94 -26.39 34.37 5.52
N LEU D 95 -27.29 34.39 4.55
CA LEU D 95 -27.07 35.18 3.33
C LEU D 95 -27.09 36.66 3.67
N ALA D 96 -28.07 37.06 4.46
CA ALA D 96 -28.21 38.44 4.89
C ALA D 96 -26.93 38.91 5.57
N ILE D 97 -26.41 38.09 6.47
CA ILE D 97 -25.19 38.43 7.21
C ILE D 97 -23.94 38.45 6.33
N GLU D 98 -23.78 37.42 5.50
CA GLU D 98 -22.62 37.35 4.62
C GLU D 98 -22.55 38.59 3.74
N VAL D 99 -23.61 38.83 2.99
CA VAL D 99 -23.67 39.98 2.10
C VAL D 99 -23.41 41.28 2.85
N ALA D 100 -24.00 41.41 4.03
CA ALA D 100 -23.83 42.61 4.86
C ALA D 100 -22.35 42.83 5.14
N LEU D 101 -21.63 41.73 5.35
CA LEU D 101 -20.19 41.79 5.62
C LEU D 101 -19.43 42.05 4.33
N GLY D 102 -19.73 41.24 3.32
CA GLY D 102 -19.07 41.39 2.03
C GLY D 102 -17.60 41.04 2.16
N ASN D 103 -16.76 41.79 1.45
CA ASN D 103 -15.32 41.56 1.49
C ASN D 103 -14.76 41.98 2.83
N ARG D 104 -15.64 42.41 3.74
CA ARG D 104 -15.23 42.83 5.08
C ARG D 104 -15.16 41.62 5.99
N ALA D 105 -15.53 40.46 5.43
CA ALA D 105 -15.50 39.20 6.17
C ALA D 105 -14.18 38.49 5.93
N ASP D 106 -13.34 39.09 5.11
CA ASP D 106 -12.02 38.53 4.82
C ASP D 106 -10.99 39.29 5.63
N ASN D 107 -11.50 40.15 6.51
CA ASN D 107 -10.65 40.97 7.39
C ASN D 107 -10.11 40.10 8.51
N VAL D 108 -8.79 40.13 8.68
CA VAL D 108 -8.16 39.38 9.75
C VAL D 108 -8.16 40.25 11.00
N VAL D 109 -8.69 39.71 12.09
CA VAL D 109 -8.63 40.40 13.37
C VAL D 109 -7.20 40.43 13.88
N VAL D 110 -6.78 41.60 14.34
CA VAL D 110 -5.47 41.81 14.94
C VAL D 110 -5.62 42.53 16.28
N GLU D 111 -4.87 42.09 17.29
CA GLU D 111 -4.98 42.68 18.62
C GLU D 111 -4.55 44.15 18.65
N ASP D 112 -3.46 44.48 17.95
CA ASP D 112 -2.95 45.84 17.91
C ASP D 112 -2.25 46.16 16.59
N GLU D 113 -2.16 47.43 16.26
CA GLU D 113 -1.44 47.85 15.05
C GLU D 113 0.00 47.34 15.02
N LEU D 114 0.63 47.30 16.19
CA LEU D 114 2.01 46.84 16.29
C LEU D 114 2.13 45.38 15.88
N VAL D 115 0.99 44.71 15.77
CA VAL D 115 0.95 43.31 15.36
C VAL D 115 0.71 43.26 13.85
N ALA D 116 -0.14 44.16 13.37
CA ALA D 116 -0.45 44.23 11.95
C ALA D 116 0.82 44.59 11.20
N GLU D 117 1.50 45.64 11.67
CA GLU D 117 2.75 46.09 11.06
C GLU D 117 3.70 44.90 10.96
N LYS D 118 3.47 43.90 11.80
CA LYS D 118 4.29 42.69 11.82
C LYS D 118 3.84 41.76 10.70
N ALA D 119 2.52 41.59 10.58
CA ALA D 119 1.93 40.73 9.55
C ALA D 119 2.17 41.33 8.17
N ILE D 120 2.05 42.65 8.07
CA ILE D 120 2.28 43.34 6.81
C ILE D 120 3.63 42.88 6.26
N LYS D 121 4.65 42.98 7.10
CA LYS D 121 5.99 42.59 6.71
C LYS D 121 6.10 41.07 6.59
N TYR D 122 5.31 40.35 7.39
CA TYR D 122 5.32 38.89 7.38
C TYR D 122 5.01 38.37 5.97
N LEU D 123 3.81 38.66 5.49
CA LEU D 123 3.41 38.20 4.16
C LEU D 123 4.27 38.83 3.06
N LYS D 124 4.93 39.94 3.40
CA LYS D 124 5.81 40.63 2.45
C LYS D 124 7.08 39.82 2.28
N GLU D 125 7.62 39.33 3.40
CA GLU D 125 8.83 38.53 3.40
C GLU D 125 8.60 37.22 2.67
N HIS D 126 7.34 36.85 2.50
CA HIS D 126 6.97 35.61 1.82
C HIS D 126 6.14 35.86 0.56
N LYS D 127 5.99 37.14 0.21
CA LYS D 127 5.21 37.51 -0.98
C LYS D 127 3.85 36.81 -0.98
N LEU D 128 2.94 37.30 -0.16
CA LEU D 128 1.60 36.71 -0.07
C LEU D 128 0.48 37.76 -0.15
N GLY D 129 0.61 38.67 -1.11
CA GLY D 129 -0.41 39.70 -1.31
C GLY D 129 -0.56 40.72 -0.21
N ARG D 130 -1.81 41.07 0.09
CA ARG D 130 -2.13 42.05 1.12
C ARG D 130 -3.36 41.58 1.88
N LEU D 131 -3.55 42.14 3.07
CA LEU D 131 -4.70 41.79 3.90
C LEU D 131 -5.19 42.99 4.70
N THR D 132 -6.50 43.04 4.94
CA THR D 132 -7.10 44.11 5.70
C THR D 132 -7.23 43.68 7.15
N PHE D 133 -6.36 44.21 8.00
CA PHE D 133 -6.34 43.89 9.41
C PHE D 133 -7.25 44.78 10.24
N LEU D 134 -7.63 44.27 11.40
CA LEU D 134 -8.50 45.00 12.31
C LEU D 134 -7.98 45.01 13.75
N PRO D 135 -7.24 46.07 14.13
CA PRO D 135 -6.68 46.22 15.47
C PRO D 135 -7.79 46.36 16.52
N LEU D 136 -7.87 45.39 17.43
CA LEU D 136 -8.89 45.41 18.47
C LEU D 136 -8.82 46.61 19.42
N ASN D 137 -7.78 47.42 19.30
CA ASN D 137 -7.61 48.59 20.17
C ASN D 137 -7.96 49.92 19.51
N LYS D 138 -7.59 50.07 18.24
CA LYS D 138 -7.84 51.30 17.52
C LYS D 138 -9.07 51.26 16.63
N ILE D 139 -9.53 50.05 16.28
CA ILE D 139 -10.71 49.89 15.44
C ILE D 139 -11.87 50.72 15.98
N LYS D 140 -12.58 51.42 15.08
CA LYS D 140 -13.71 52.25 15.48
C LYS D 140 -15.04 51.62 15.07
N PRO D 141 -15.74 50.98 16.03
CA PRO D 141 -17.03 50.33 15.79
C PRO D 141 -18.19 51.29 15.49
N LYS D 142 -19.26 50.75 14.91
CA LYS D 142 -20.43 51.55 14.55
C LYS D 142 -21.65 51.16 15.39
N HIS D 143 -22.61 52.07 15.50
CA HIS D 143 -23.83 51.83 16.26
C HIS D 143 -25.07 51.79 15.37
N VAL D 144 -26.25 51.85 15.99
CA VAL D 144 -27.51 51.82 15.27
C VAL D 144 -28.58 52.71 15.92
N ASP D 145 -28.92 53.81 15.24
CA ASP D 145 -29.93 54.73 15.74
C ASP D 145 -31.17 54.68 14.86
N SER D 146 -31.63 53.46 14.56
CA SER D 146 -32.80 53.26 13.72
C SER D 146 -33.76 52.24 14.31
N SER D 147 -35.05 52.47 14.11
CA SER D 147 -36.10 51.58 14.60
C SER D 147 -36.50 50.63 13.47
N VAL D 148 -35.85 50.81 12.32
CA VAL D 148 -36.11 50.02 11.13
C VAL D 148 -35.48 48.63 11.16
N GLY D 149 -36.21 47.65 10.64
CA GLY D 149 -35.74 46.28 10.57
C GLY D 149 -35.16 45.62 11.81
N LEU D 150 -34.40 44.56 11.57
CA LEU D 150 -33.77 43.77 12.63
C LEU D 150 -32.25 43.98 12.60
N PRO D 151 -31.71 44.68 13.60
CA PRO D 151 -30.26 44.93 13.66
C PRO D 151 -29.43 43.65 13.52
N ALA D 152 -28.57 43.64 12.51
CA ALA D 152 -27.72 42.49 12.21
C ALA D 152 -27.10 41.78 13.41
N VAL D 153 -26.52 42.56 14.33
CA VAL D 153 -25.89 42.01 15.52
C VAL D 153 -26.81 41.21 16.42
N ASP D 154 -28.06 41.01 16.00
CA ASP D 154 -29.01 40.27 16.81
C ASP D 154 -29.29 38.86 16.30
N VAL D 155 -28.69 38.51 15.17
CA VAL D 155 -28.88 37.18 14.60
C VAL D 155 -27.58 36.39 14.59
N ILE D 156 -26.50 37.03 15.03
CA ILE D 156 -25.20 36.39 15.06
C ILE D 156 -24.66 36.34 16.49
N GLU D 157 -23.68 35.47 16.69
CA GLU D 157 -23.05 35.31 17.98
C GLU D 157 -21.53 35.36 17.86
N TYR D 158 -20.91 36.16 18.72
CA TYR D 158 -19.47 36.32 18.73
C TYR D 158 -18.99 36.43 20.16
N ASP D 159 -17.70 36.18 20.40
CA ASP D 159 -17.14 36.25 21.74
C ASP D 159 -16.98 37.70 22.20
N GLN D 160 -17.23 37.93 23.48
CA GLN D 160 -17.11 39.26 24.08
C GLN D 160 -15.83 39.95 23.63
N LYS D 161 -14.79 39.17 23.39
CA LYS D 161 -13.49 39.69 22.96
C LYS D 161 -13.61 40.64 21.78
N ILE D 162 -13.85 40.09 20.59
CA ILE D 162 -13.92 40.96 19.42
C ILE D 162 -15.30 41.60 19.39
N GLU D 163 -15.59 42.32 20.46
CA GLU D 163 -16.82 43.09 20.59
C GLU D 163 -16.86 44.22 19.57
N ASN D 164 -15.71 44.88 19.37
CA ASN D 164 -15.66 46.04 18.49
C ASN D 164 -15.53 45.72 17.01
N ALA D 165 -14.86 44.61 16.70
CA ALA D 165 -14.68 44.19 15.31
C ALA D 165 -16.01 43.90 14.60
N VAL D 166 -16.94 43.28 15.32
CA VAL D 166 -18.24 42.96 14.76
C VAL D 166 -19.12 44.20 14.72
N LYS D 167 -19.03 45.04 15.76
CA LYS D 167 -19.81 46.25 15.82
C LYS D 167 -19.22 47.25 14.83
N PHE D 168 -18.11 46.86 14.23
CA PHE D 168 -17.43 47.67 13.24
C PHE D 168 -18.05 47.44 11.87
N ALA D 169 -18.03 46.18 11.44
CA ALA D 169 -18.60 45.80 10.14
C ALA D 169 -20.13 45.83 10.15
N LEU D 170 -20.74 44.90 10.88
CA LEU D 170 -22.19 44.83 10.96
C LEU D 170 -22.73 45.86 11.94
N GLY D 171 -21.87 46.74 12.41
CA GLY D 171 -22.28 47.77 13.35
C GLY D 171 -23.54 48.51 12.94
N ASP D 172 -23.39 49.43 11.99
CA ASP D 172 -24.52 50.20 11.49
C ASP D 172 -25.18 49.46 10.33
N THR D 173 -25.95 48.43 10.66
CA THR D 173 -26.62 47.63 9.64
C THR D 173 -27.91 47.02 10.18
N VAL D 174 -28.87 46.80 9.29
CA VAL D 174 -30.16 46.21 9.65
C VAL D 174 -30.63 45.25 8.56
N ILE D 175 -31.11 44.09 8.97
CA ILE D 175 -31.60 43.12 8.01
C ILE D 175 -33.10 43.28 7.81
N VAL D 176 -33.52 43.35 6.55
CA VAL D 176 -34.93 43.50 6.21
C VAL D 176 -35.42 42.30 5.38
N ASN D 177 -36.74 42.15 5.30
CA ASN D 177 -37.33 41.04 4.55
C ASN D 177 -37.15 41.24 3.04
N SER D 178 -37.88 42.21 2.48
CA SER D 178 -37.79 42.50 1.05
C SER D 178 -37.44 43.97 0.79
N MET D 179 -37.55 44.38 -0.47
CA MET D 179 -37.24 45.75 -0.89
C MET D 179 -38.26 46.77 -0.41
N GLU D 180 -39.54 46.44 -0.53
CA GLU D 180 -40.63 47.33 -0.12
C GLU D 180 -40.45 47.83 1.31
N GLU D 181 -39.84 47.00 2.14
CA GLU D 181 -39.60 47.37 3.53
C GLU D 181 -38.39 48.28 3.63
N ALA D 182 -37.59 48.33 2.57
CA ALA D 182 -36.37 49.15 2.55
C ALA D 182 -36.50 50.48 1.80
N ARG D 183 -37.13 50.44 0.62
CA ARG D 183 -37.27 51.63 -0.21
C ARG D 183 -37.71 52.90 0.52
N PRO D 184 -38.60 52.78 1.53
CA PRO D 184 -39.02 54.00 2.22
C PRO D 184 -37.86 54.60 3.00
N HIS D 185 -36.77 53.85 3.09
CA HIS D 185 -35.60 54.28 3.85
C HIS D 185 -34.27 54.27 3.08
N ILE D 186 -34.24 53.63 1.91
CA ILE D 186 -33.00 53.57 1.13
C ILE D 186 -32.38 54.96 0.96
N GLY D 187 -31.27 55.19 1.65
CA GLY D 187 -30.60 56.47 1.55
C GLY D 187 -30.21 57.03 2.92
N LYS D 188 -30.95 56.63 3.95
CA LYS D 188 -30.66 57.12 5.30
C LYS D 188 -30.18 56.01 6.24
N VAL D 189 -30.44 54.76 5.86
CA VAL D 189 -30.03 53.61 6.67
C VAL D 189 -29.39 52.53 5.80
N ARG D 190 -28.43 51.79 6.38
CA ARG D 190 -27.75 50.73 5.65
C ARG D 190 -28.37 49.37 5.96
N MET D 191 -29.32 48.94 5.13
CA MET D 191 -29.97 47.65 5.35
C MET D 191 -29.81 46.68 4.18
N VAL D 192 -30.00 45.39 4.48
CA VAL D 192 -29.87 44.34 3.48
C VAL D 192 -31.08 43.40 3.54
N THR D 193 -31.64 43.08 2.36
CA THR D 193 -32.79 42.20 2.28
C THR D 193 -32.39 40.77 2.64
N ILE D 194 -33.38 39.91 2.85
CA ILE D 194 -33.12 38.52 3.18
C ILE D 194 -32.63 37.78 1.94
N GLU D 195 -33.01 38.28 0.77
CA GLU D 195 -32.63 37.69 -0.51
C GLU D 195 -31.24 38.11 -0.95
N GLY D 196 -30.50 38.77 -0.06
CA GLY D 196 -29.15 39.19 -0.38
C GLY D 196 -29.03 40.42 -1.27
N GLU D 197 -29.53 41.55 -0.78
CA GLU D 197 -29.47 42.81 -1.52
C GLU D 197 -29.21 43.94 -0.53
N LEU D 198 -28.04 44.54 -0.61
CA LEU D 198 -27.65 45.61 0.29
C LEU D 198 -27.75 47.02 -0.29
N TYR D 199 -28.50 47.87 0.41
CA TYR D 199 -28.67 49.26 0.01
C TYR D 199 -27.92 50.10 1.03
N GLU D 200 -26.74 50.58 0.66
CA GLU D 200 -25.91 51.38 1.55
C GLU D 200 -26.23 52.86 1.50
N ARG D 201 -25.92 53.56 2.60
CA ARG D 201 -26.19 54.99 2.72
C ARG D 201 -25.49 55.83 1.65
N SER D 202 -24.44 55.27 1.05
CA SER D 202 -23.69 55.96 0.02
C SER D 202 -24.43 56.01 -1.33
N GLY D 203 -25.55 55.31 -1.40
CA GLY D 203 -26.32 55.28 -2.63
C GLY D 203 -26.03 54.00 -3.40
N ALA D 204 -24.93 53.35 -3.03
CA ALA D 204 -24.51 52.11 -3.68
C ALA D 204 -25.58 51.04 -3.47
N ILE D 205 -25.79 50.23 -4.50
CA ILE D 205 -26.80 49.17 -4.43
C ILE D 205 -26.20 47.83 -4.85
N THR D 206 -25.83 47.02 -3.85
CA THR D 206 -25.24 45.71 -4.10
C THR D 206 -26.35 44.69 -4.34
N GLY D 207 -26.06 43.69 -5.16
CA GLY D 207 -27.06 42.67 -5.44
C GLY D 207 -26.47 41.49 -6.19
N GLY D 208 -27.24 40.41 -6.22
CA GLY D 208 -26.86 39.17 -6.86
C GLY D 208 -27.29 38.06 -5.93
N HIS D 209 -26.87 36.85 -6.21
CA HIS D 209 -26.96 35.82 -5.20
C HIS D 209 -26.12 34.64 -5.61
N PHE D 210 -24.85 33.79 -5.23
CA PHE D 210 -24.40 32.39 -5.18
C PHE D 210 -23.52 32.20 -3.95
N ARG D 211 -23.83 31.22 -3.11
CA ARG D 211 -23.05 31.04 -1.89
C ARG D 211 -22.22 29.77 -1.94
N ALA D 212 -20.91 29.89 -1.78
CA ALA D 212 -20.09 28.68 -1.76
C ALA D 212 -18.61 29.01 -1.93
N ASP D 218 -15.07 24.91 7.37
CA ASP D 218 -15.44 23.52 7.58
C ASP D 218 -15.18 22.69 6.31
N THR D 219 -15.24 23.36 5.16
CA THR D 219 -15.00 22.70 3.88
C THR D 219 -13.51 22.67 3.56
N THR D 220 -12.70 23.02 4.54
CA THR D 220 -11.25 23.02 4.37
C THR D 220 -10.75 21.58 4.34
N LYS D 221 -11.40 20.71 5.10
CA LYS D 221 -11.04 19.30 5.17
C LYS D 221 -11.42 18.55 3.90
N LEU D 222 -11.81 19.29 2.85
CA LEU D 222 -12.16 18.67 1.58
C LEU D 222 -10.93 18.09 0.93
N ARG D 223 -9.80 18.79 1.06
CA ARG D 223 -8.54 18.35 0.49
C ARG D 223 -8.28 16.91 0.92
N GLU D 224 -8.60 16.61 2.18
CA GLU D 224 -8.41 15.28 2.73
C GLU D 224 -9.19 14.27 1.90
N LYS D 225 -10.47 14.55 1.67
CA LYS D 225 -11.34 13.68 0.88
C LYS D 225 -10.80 13.49 -0.53
N VAL D 226 -9.80 14.28 -0.90
CA VAL D 226 -9.19 14.18 -2.22
C VAL D 226 -7.86 13.48 -2.08
N GLU D 227 -7.24 13.63 -0.91
CA GLU D 227 -5.96 13.00 -0.65
C GLU D 227 -6.10 11.50 -0.86
N SER D 228 -7.26 10.99 -0.45
CA SER D 228 -7.55 9.57 -0.59
C SER D 228 -7.87 9.23 -2.05
N LEU D 229 -8.72 10.04 -2.67
CA LEU D 229 -9.10 9.83 -4.07
C LEU D 229 -7.86 9.56 -4.94
N ARG D 230 -6.83 10.37 -4.77
CA ARG D 230 -5.59 10.20 -5.53
C ARG D 230 -4.90 8.94 -5.06
N ARG D 231 -4.61 8.88 -3.77
CA ARG D 231 -3.95 7.74 -3.17
C ARG D 231 -4.61 6.42 -3.61
N ARG D 232 -5.93 6.37 -3.49
CA ARG D 232 -6.70 5.19 -3.87
C ARG D 232 -6.53 4.88 -5.35
N LYS D 233 -6.31 5.92 -6.16
CA LYS D 233 -6.13 5.76 -7.59
C LYS D 233 -4.76 5.19 -7.93
N GLU D 234 -3.72 5.74 -7.30
CA GLU D 234 -2.36 5.28 -7.54
C GLU D 234 -2.24 3.78 -7.26
N ALA D 235 -3.15 3.28 -6.43
CA ALA D 235 -3.16 1.87 -6.06
C ALA D 235 -3.63 1.02 -7.23
N LEU D 236 -4.88 1.24 -7.64
CA LEU D 236 -5.47 0.49 -8.75
C LEU D 236 -4.69 0.74 -10.03
N GLU D 237 -4.19 1.96 -10.18
CA GLU D 237 -3.42 2.31 -11.36
C GLU D 237 -2.23 1.36 -11.44
N GLY D 238 -1.57 1.13 -10.31
CA GLY D 238 -0.43 0.24 -10.27
C GLY D 238 -0.86 -1.21 -10.33
N GLU D 239 -1.93 -1.53 -9.61
CA GLU D 239 -2.45 -2.89 -9.56
C GLU D 239 -2.77 -3.44 -10.96
N LEU D 240 -3.37 -2.60 -11.79
CA LEU D 240 -3.71 -3.00 -13.15
C LEU D 240 -2.43 -3.09 -13.98
N ASN D 241 -1.63 -2.03 -13.93
CA ASN D 241 -0.38 -1.97 -14.67
C ASN D 241 0.43 -3.25 -14.48
N SER D 242 0.21 -3.92 -13.35
CA SER D 242 0.92 -5.16 -13.05
C SER D 242 0.15 -6.40 -13.52
N LEU D 243 -1.18 -6.36 -13.41
CA LEU D 243 -2.00 -7.49 -13.84
C LEU D 243 -2.00 -7.65 -15.35
N LYS D 244 -2.13 -6.55 -16.07
CA LYS D 244 -2.14 -6.59 -17.53
C LYS D 244 -0.86 -7.26 -18.00
N ILE D 245 0.14 -7.28 -17.12
CA ILE D 245 1.42 -7.89 -17.39
C ILE D 245 1.29 -9.41 -17.28
N GLU D 246 0.56 -9.86 -16.27
CA GLU D 246 0.34 -11.29 -16.06
C GLU D 246 -0.44 -11.88 -17.22
N LEU D 247 -1.40 -11.12 -17.75
CA LEU D 247 -2.19 -11.57 -18.89
C LEU D 247 -1.30 -11.70 -20.11
N ARG D 248 -0.55 -10.67 -20.42
CA ARG D 248 0.35 -10.68 -21.56
C ARG D 248 1.37 -11.80 -21.38
N SER D 249 1.62 -12.17 -20.12
CA SER D 249 2.58 -13.23 -19.81
C SER D 249 1.90 -14.59 -19.97
N LEU D 250 0.67 -14.70 -19.48
CA LEU D 250 -0.08 -15.94 -19.58
C LEU D 250 -0.55 -16.14 -21.02
N GLU D 251 -1.10 -15.08 -21.60
CA GLU D 251 -1.60 -15.11 -22.97
C GLU D 251 -0.48 -15.51 -23.93
N ASN D 252 0.76 -15.25 -23.54
CA ASN D 252 1.92 -15.59 -24.35
C ASN D 252 2.26 -17.08 -24.19
N ALA D 253 2.10 -17.59 -22.97
CA ALA D 253 2.37 -18.99 -22.70
C ALA D 253 1.22 -19.83 -23.25
N SER D 254 0.04 -19.23 -23.27
CA SER D 254 -1.16 -19.89 -23.78
C SER D 254 -0.98 -20.07 -25.29
N PHE D 255 -0.75 -18.96 -25.99
CA PHE D 255 -0.56 -18.98 -27.43
C PHE D 255 0.72 -19.74 -27.81
N GLU D 256 1.49 -20.12 -26.79
CA GLU D 256 2.73 -20.85 -26.98
C GLU D 256 2.53 -22.33 -26.66
N LEU D 257 1.71 -22.60 -25.64
CA LEU D 257 1.44 -23.98 -25.25
C LEU D 257 0.56 -24.68 -26.28
N ARG D 258 -0.36 -23.93 -26.88
CA ARG D 258 -1.26 -24.47 -27.89
C ARG D 258 -0.47 -24.97 -29.09
N ILE D 259 0.56 -24.21 -29.47
CA ILE D 259 1.40 -24.55 -30.61
C ILE D 259 2.31 -25.74 -30.31
N LYS D 260 2.68 -25.91 -29.05
CA LYS D 260 3.52 -27.03 -28.63
C LYS D 260 2.66 -28.29 -28.61
N LEU D 261 1.34 -28.10 -28.71
CA LEU D 261 0.39 -29.20 -28.70
C LEU D 261 0.12 -29.68 -30.13
N SER D 262 -0.18 -28.74 -31.02
CA SER D 262 -0.46 -29.06 -32.40
C SER D 262 0.75 -29.69 -33.10
N ASP D 263 1.81 -29.94 -32.32
CA ASP D 263 3.02 -30.54 -32.85
C ASP D 263 3.17 -31.97 -32.32
N GLU D 264 2.90 -32.15 -31.03
CA GLU D 264 2.99 -33.47 -30.41
C GLU D 264 1.75 -34.31 -30.71
N LYS D 265 0.84 -33.74 -31.49
CA LYS D 265 -0.39 -34.43 -31.86
C LYS D 265 -0.32 -34.93 -33.30
N LYS D 266 0.17 -34.08 -34.19
CA LYS D 266 0.28 -34.43 -35.60
C LYS D 266 1.20 -35.64 -35.75
N GLU D 267 1.99 -35.91 -34.71
CA GLU D 267 2.92 -37.03 -34.70
C GLU D 267 2.21 -38.37 -34.56
N LEU D 268 1.12 -38.38 -33.80
CA LEU D 268 0.35 -39.61 -33.60
C LEU D 268 -0.11 -40.15 -34.94
N GLU D 269 -0.68 -39.26 -35.74
CA GLU D 269 -1.18 -39.62 -37.06
C GLU D 269 -0.08 -40.29 -37.89
#